data_3ZI0
#
_entry.id   3ZI0
#
_cell.length_a   67.447
_cell.length_b   68.707
_cell.length_c   85.700
_cell.angle_alpha   90.00
_cell.angle_beta   107.34
_cell.angle_gamma   90.00
#
_symmetry.space_group_name_H-M   'P 1 21 1'
#
loop_
_entity.id
_entity.type
_entity.pdbx_description
1 polymer '1-DEOXY-D-XYLULOSE 5-PHOSPHATE REDUCTOISOMERASE'
2 non-polymer '[(1S)-1-(3,4-dichlorophenyl)-3-{hydroxy[2-(1H-1,2,4-triazol-1-ylmethyl)benzoyl]amino}propyl]phosphonic acid'
3 non-polymer 'MANGANESE (II) ION'
4 water water
#
_entity_poly.entity_id   1
_entity_poly.type   'polypeptide(L)'
_entity_poly.pdbx_seq_one_letter_code
;MAHHHHHHVTNSTDGRADGRLRVVVLGSTGSIGTQALQVIADNPDRFEVVGLAAGGAHLDTLLRQRAQTGVTNIAVADEH
AAQRVGDIPYHGSDAATRLVEQTEADVVLNALVGALGLRPTLAALKTGARLALANKESLVAGGSLVLRAARPGQIVPVDS
EHSALAQCLRGGTPDEVAKLVLTASGGPFRGWSAADLEHVTPEQAGAHPTWSMGPMNTLNSASLVNKGLEVIETHLLFGI
PYDRIDVVVHPQSIIHSMVTFIDGSTIAQASPPDMKLPISLALGWPRRVSGAAAACDFHTASSWEFEPLDTDVFPAVELA
RQAGVAGGCMTAVYNAANEEAAAAFLAGRIGFPAIVGIIADVLHAADQWAVEPATVDDVLDAQRWARERAQRAVSGM
;
_entity_poly.pdbx_strand_id   A,B
#
# COMPACT_ATOMS: atom_id res chain seq x y z
N ARG A 20 20.92 6.73 20.05
CA ARG A 20 21.34 5.31 20.14
C ARG A 20 20.48 4.57 21.17
N LEU A 21 19.56 3.73 20.67
CA LEU A 21 18.63 2.99 21.53
C LEU A 21 19.30 1.78 22.20
N ARG A 22 19.04 1.63 23.50
CA ARG A 22 19.57 0.53 24.31
C ARG A 22 18.62 -0.66 24.31
N VAL A 23 19.10 -1.79 23.80
CA VAL A 23 18.26 -2.95 23.53
C VAL A 23 18.64 -4.16 24.37
N VAL A 24 17.66 -4.71 25.10
CA VAL A 24 17.78 -6.02 25.72
C VAL A 24 17.17 -7.05 24.77
N VAL A 25 17.94 -8.08 24.42
CA VAL A 25 17.45 -9.18 23.58
C VAL A 25 17.18 -10.43 24.42
N LEU A 26 15.90 -10.75 24.61
CA LEU A 26 15.48 -11.98 25.29
C LEU A 26 15.20 -13.09 24.26
N GLY A 27 15.83 -14.24 24.45
CA GLY A 27 15.76 -15.34 23.48
C GLY A 27 16.75 -15.11 22.36
N SER A 28 17.94 -14.67 22.73
CA SER A 28 18.98 -14.22 21.79
C SER A 28 19.55 -15.29 20.87
N THR A 29 19.39 -16.56 21.24
CA THR A 29 20.01 -17.68 20.50
C THR A 29 19.12 -18.26 19.41
N GLY A 30 17.82 -17.97 19.49
CA GLY A 30 16.87 -18.40 18.46
C GLY A 30 16.98 -17.61 17.18
N SER A 31 16.04 -17.84 16.27
CA SER A 31 16.03 -17.20 14.96
C SER A 31 15.87 -15.68 15.03
N ILE A 32 14.85 -15.22 15.75
CA ILE A 32 14.58 -13.80 15.89
C ILE A 32 15.76 -13.12 16.59
N GLY A 33 16.13 -13.63 17.76
CA GLY A 33 17.25 -13.12 18.54
C GLY A 33 18.51 -12.90 17.72
N THR A 34 18.91 -13.92 16.95
CA THR A 34 20.14 -13.85 16.15
C THR A 34 20.06 -12.85 15.00
N GLN A 35 18.91 -12.80 14.32
CA GLN A 35 18.70 -11.80 13.27
C GLN A 35 18.71 -10.37 13.83
N ALA A 36 18.10 -10.19 15.00
CA ALA A 36 18.09 -8.92 15.72
C ALA A 36 19.51 -8.42 16.04
N LEU A 37 20.39 -9.30 16.51
CA LEU A 37 21.77 -8.95 16.79
C LEU A 37 22.53 -8.54 15.53
N GLN A 38 22.22 -9.21 14.41
CA GLN A 38 22.81 -8.86 13.12
C GLN A 38 22.37 -7.46 12.68
N VAL A 39 21.10 -7.13 12.89
CA VAL A 39 20.55 -5.80 12.63
C VAL A 39 21.26 -4.74 13.49
N ILE A 40 21.42 -5.04 14.78
CA ILE A 40 22.12 -4.14 15.71
C ILE A 40 23.58 -3.93 15.29
N ALA A 41 24.30 -5.03 15.06
CA ALA A 41 25.70 -4.97 14.63
C ALA A 41 25.89 -4.15 13.34
N ASP A 42 24.89 -4.18 12.47
CA ASP A 42 24.93 -3.42 11.22
C ASP A 42 24.55 -1.96 11.39
N ASN A 43 23.97 -1.61 12.54
CA ASN A 43 23.54 -0.24 12.82
C ASN A 43 23.95 0.27 14.21
N PRO A 44 25.28 0.38 14.45
CA PRO A 44 25.80 0.77 15.77
C PRO A 44 25.36 2.16 16.22
N ASP A 45 25.15 3.07 15.25
CA ASP A 45 24.69 4.44 15.54
C ASP A 45 23.22 4.50 15.97
N ARG A 46 22.42 3.54 15.53
CA ARG A 46 21.00 3.46 15.92
C ARG A 46 20.80 2.65 17.19
N PHE A 47 21.57 1.56 17.34
CA PHE A 47 21.31 0.54 18.36
C PHE A 47 22.52 0.15 19.20
N GLU A 48 22.25 -0.22 20.45
CA GLU A 48 23.26 -0.73 21.38
C GLU A 48 22.66 -1.88 22.19
N VAL A 49 23.28 -3.05 22.12
CA VAL A 49 22.87 -4.19 22.97
C VAL A 49 23.38 -3.98 24.39
N VAL A 50 22.45 -3.99 25.35
CA VAL A 50 22.79 -3.82 26.76
C VAL A 50 22.51 -5.08 27.60
N GLY A 51 21.93 -6.10 26.98
CA GLY A 51 21.60 -7.34 27.68
C GLY A 51 21.17 -8.47 26.76
N LEU A 52 21.63 -9.68 27.09
CA LEU A 52 21.26 -10.89 26.36
C LEU A 52 20.65 -11.93 27.31
N ALA A 53 19.61 -12.61 26.84
CA ALA A 53 19.01 -13.72 27.59
C ALA A 53 18.68 -14.91 26.69
N ALA A 54 18.79 -16.10 27.26
CA ALA A 54 18.44 -17.35 26.58
C ALA A 54 17.89 -18.41 27.54
N GLY A 55 17.27 -19.45 26.98
CA GLY A 55 16.67 -20.53 27.77
C GLY A 55 17.66 -21.38 28.55
N GLY A 56 18.77 -21.74 27.91
CA GLY A 56 19.79 -22.56 28.56
C GLY A 56 20.25 -23.73 27.70
N ALA A 57 19.35 -24.23 26.85
CA ALA A 57 19.67 -25.31 25.92
C ALA A 57 20.71 -24.88 24.90
N HIS A 58 20.66 -23.61 24.51
CA HIS A 58 21.63 -23.01 23.62
C HIS A 58 22.58 -22.12 24.38
N LEU A 59 23.49 -22.74 25.12
CA LEU A 59 24.52 -22.00 25.85
C LEU A 59 25.74 -21.76 24.96
N ASP A 60 25.99 -22.69 24.05
CA ASP A 60 27.14 -22.64 23.14
C ASP A 60 27.19 -21.35 22.31
N THR A 61 26.04 -20.95 21.77
CA THR A 61 25.92 -19.75 20.96
C THR A 61 25.78 -18.49 21.83
N LEU A 62 25.16 -18.63 23.00
CA LEU A 62 24.97 -17.53 23.95
C LEU A 62 26.31 -16.95 24.45
N LEU A 63 27.28 -17.84 24.69
CA LEU A 63 28.61 -17.43 25.12
C LEU A 63 29.47 -16.95 23.94
N ARG A 64 29.13 -17.43 22.74
CA ARG A 64 29.71 -16.91 21.51
C ARG A 64 29.21 -15.49 21.26
N GLN A 65 27.94 -15.25 21.57
CA GLN A 65 27.34 -13.92 21.46
C GLN A 65 27.96 -12.93 22.45
N ARG A 66 28.35 -13.41 23.63
CA ARG A 66 29.08 -12.58 24.60
C ARG A 66 30.44 -12.15 24.04
N ALA A 67 31.22 -13.13 23.59
CA ALA A 67 32.55 -12.88 23.06
C ALA A 67 32.56 -11.98 21.84
N GLN A 68 31.50 -12.04 21.04
CA GLN A 68 31.42 -11.29 19.78
C GLN A 68 30.75 -9.92 19.91
N THR A 69 30.00 -9.71 20.99
CA THR A 69 29.38 -8.40 21.26
C THR A 69 30.01 -7.68 22.45
N GLY A 70 30.67 -8.44 23.34
CA GLY A 70 31.29 -7.86 24.53
C GLY A 70 30.27 -7.56 25.62
N VAL A 71 29.12 -8.19 25.55
CA VAL A 71 28.06 -8.00 26.54
C VAL A 71 28.13 -9.10 27.60
N THR A 72 28.40 -8.68 28.84
CA THR A 72 28.50 -9.61 29.97
C THR A 72 27.22 -9.61 30.81
N ASN A 73 26.30 -8.71 30.49
CA ASN A 73 24.99 -8.67 31.12
C ASN A 73 24.07 -9.73 30.50
N ILE A 74 24.26 -10.98 30.93
CA ILE A 74 23.55 -12.13 30.34
C ILE A 74 22.73 -12.91 31.38
N ALA A 75 21.63 -13.52 30.92
CA ALA A 75 20.74 -14.34 31.74
C ALA A 75 20.47 -15.70 31.09
N VAL A 76 20.43 -16.75 31.91
CA VAL A 76 20.20 -18.11 31.41
C VAL A 76 18.89 -18.70 31.90
N ILE A 88 28.22 -15.69 34.99
CA ILE A 88 26.88 -15.32 34.53
C ILE A 88 26.10 -14.68 35.68
N PRO A 89 25.79 -13.37 35.54
CA PRO A 89 25.11 -12.60 36.59
C PRO A 89 23.69 -13.09 36.91
N TYR A 90 22.99 -13.61 35.91
CA TYR A 90 21.60 -14.03 36.11
C TYR A 90 21.38 -15.49 35.75
N HIS A 91 20.86 -16.25 36.72
CA HIS A 91 20.58 -17.68 36.57
C HIS A 91 19.32 -18.05 37.30
N GLY A 92 18.62 -19.06 36.78
CA GLY A 92 17.33 -19.48 37.33
C GLY A 92 16.22 -19.30 36.32
N SER A 93 14.98 -19.61 36.75
CA SER A 93 13.82 -19.47 35.87
C SER A 93 13.39 -18.02 35.66
N ASP A 94 13.67 -17.17 36.66
CA ASP A 94 13.30 -15.75 36.61
C ASP A 94 14.48 -14.87 36.19
N ALA A 95 15.56 -15.50 35.75
CA ALA A 95 16.79 -14.80 35.37
C ALA A 95 16.58 -13.73 34.30
N ALA A 96 15.68 -14.00 33.36
CA ALA A 96 15.35 -13.06 32.28
C ALA A 96 14.56 -11.86 32.81
N THR A 97 13.60 -12.13 33.70
CA THR A 97 12.84 -11.07 34.36
C THR A 97 13.76 -10.12 35.13
N ARG A 98 14.65 -10.68 35.95
CA ARG A 98 15.58 -9.90 36.77
C ARG A 98 16.61 -9.11 35.93
N LEU A 99 17.01 -9.68 34.79
CA LEU A 99 17.85 -8.96 33.83
C LEU A 99 17.15 -7.69 33.31
N VAL A 100 15.86 -7.82 33.01
CA VAL A 100 15.04 -6.72 32.49
C VAL A 100 14.79 -5.63 33.55
N GLU A 101 14.56 -6.05 34.80
CA GLU A 101 14.28 -5.10 35.91
C GLU A 101 15.48 -4.23 36.25
N GLN A 102 16.69 -4.79 36.13
CA GLN A 102 17.90 -4.14 36.62
C GLN A 102 18.70 -3.45 35.51
N THR A 103 18.32 -3.70 34.25
CA THR A 103 19.00 -3.09 33.10
C THR A 103 18.23 -1.87 32.58
N GLU A 104 18.94 -0.75 32.44
CA GLU A 104 18.37 0.45 31.84
C GLU A 104 18.31 0.25 30.33
N ALA A 105 17.10 0.19 29.79
CA ALA A 105 16.92 -0.11 28.38
C ALA A 105 15.71 0.59 27.78
N ASP A 106 15.87 1.03 26.53
CA ASP A 106 14.81 1.69 25.80
C ASP A 106 13.89 0.67 25.12
N VAL A 107 14.48 -0.38 24.57
CA VAL A 107 13.74 -1.44 23.85
C VAL A 107 14.09 -2.80 24.42
N VAL A 108 13.07 -3.57 24.80
CA VAL A 108 13.25 -4.98 25.15
C VAL A 108 12.59 -5.86 24.08
N LEU A 109 13.40 -6.60 23.34
CA LEU A 109 12.93 -7.58 22.38
C LEU A 109 12.65 -8.92 23.08
N ASN A 110 11.37 -9.27 23.20
CA ASN A 110 10.98 -10.56 23.77
C ASN A 110 10.74 -11.65 22.72
N ALA A 111 11.81 -12.39 22.42
CA ALA A 111 11.77 -13.50 21.47
C ALA A 111 11.91 -14.85 22.18
N LEU A 112 11.52 -14.91 23.46
CA LEU A 112 11.46 -16.17 24.20
C LEU A 112 10.25 -16.98 23.70
N VAL A 113 10.42 -18.28 23.57
CA VAL A 113 9.34 -19.15 23.14
C VAL A 113 8.54 -19.64 24.34
N GLY A 114 7.22 -19.55 24.25
CA GLY A 114 6.32 -20.17 25.23
C GLY A 114 6.03 -19.35 26.47
N ALA A 115 5.69 -20.06 27.55
CA ALA A 115 5.38 -19.44 28.84
C ALA A 115 6.59 -18.76 29.49
N LEU A 116 7.80 -19.13 29.05
CA LEU A 116 9.05 -18.45 29.43
C LEU A 116 9.00 -16.94 29.21
N GLY A 117 8.18 -16.50 28.27
CA GLY A 117 8.13 -15.10 27.86
C GLY A 117 7.15 -14.23 28.61
N LEU A 118 6.14 -14.85 29.22
CA LEU A 118 5.05 -14.11 29.88
C LEU A 118 5.52 -13.15 30.98
N ARG A 119 6.27 -13.67 31.96
CA ARG A 119 6.79 -12.83 33.05
C ARG A 119 7.75 -11.72 32.61
N PRO A 120 8.74 -12.03 31.74
CA PRO A 120 9.61 -10.96 31.26
C PRO A 120 8.87 -9.85 30.48
N THR A 121 7.77 -10.21 29.83
CA THR A 121 6.88 -9.26 29.14
C THR A 121 6.35 -8.19 30.11
N LEU A 122 5.86 -8.63 31.26
CA LEU A 122 5.28 -7.73 32.25
C LEU A 122 6.34 -6.82 32.88
N ALA A 123 7.50 -7.42 33.17
CA ALA A 123 8.66 -6.69 33.69
C ALA A 123 9.12 -5.59 32.74
N ALA A 124 9.31 -5.93 31.47
CA ALA A 124 9.69 -4.95 30.46
C ALA A 124 8.68 -3.82 30.37
N LEU A 125 7.39 -4.18 30.36
CA LEU A 125 6.30 -3.19 30.31
C LEU A 125 6.36 -2.25 31.52
N LYS A 126 6.64 -2.84 32.68
CA LYS A 126 6.73 -2.08 33.94
C LYS A 126 7.79 -0.99 33.90
N THR A 127 8.96 -1.29 33.33
CA THR A 127 10.07 -0.31 33.26
C THR A 127 9.74 0.87 32.35
N GLY A 128 8.69 0.72 31.54
CA GLY A 128 8.30 1.75 30.58
C GLY A 128 8.97 1.63 29.23
N ALA A 129 9.94 0.72 29.10
CA ALA A 129 10.62 0.50 27.83
C ALA A 129 9.64 0.05 26.74
N ARG A 130 9.98 0.27 25.48
CA ARG A 130 9.16 -0.28 24.41
C ARG A 130 9.36 -1.79 24.37
N LEU A 131 8.26 -2.52 24.19
CA LEU A 131 8.31 -3.98 24.08
C LEU A 131 8.13 -4.43 22.64
N ALA A 132 9.24 -4.82 22.02
CA ALA A 132 9.21 -5.45 20.70
C ALA A 132 8.89 -6.93 20.90
N LEU A 133 7.62 -7.27 20.67
CA LEU A 133 7.08 -8.59 20.99
C LEU A 133 7.14 -9.60 19.85
N ALA A 134 7.83 -10.70 20.11
CA ALA A 134 7.89 -11.85 19.19
C ALA A 134 7.27 -13.09 19.85
N ASN A 135 7.18 -13.06 21.19
CA ASN A 135 6.60 -14.13 21.98
C ASN A 135 5.06 -14.14 21.91
N LYS A 136 4.52 -15.08 21.15
CA LYS A 136 3.07 -15.15 20.91
C LYS A 136 2.25 -15.40 22.17
N GLU A 137 2.81 -16.20 23.08
CA GLU A 137 2.13 -16.55 24.33
C GLU A 137 1.69 -15.35 25.15
N SER A 138 2.58 -14.37 25.34
CA SER A 138 2.23 -13.26 26.23
C SER A 138 0.99 -12.53 25.80
N LEU A 139 0.71 -12.49 24.50
CA LEU A 139 -0.54 -11.92 24.03
C LEU A 139 -1.68 -12.94 23.89
N VAL A 140 -1.40 -14.08 23.24
CA VAL A 140 -2.43 -15.11 23.02
C VAL A 140 -2.92 -15.75 24.32
N ALA A 141 -1.99 -16.03 25.23
CA ALA A 141 -2.35 -16.59 26.53
C ALA A 141 -2.68 -15.48 27.51
N GLY A 142 -1.72 -14.57 27.69
CA GLY A 142 -1.85 -13.44 28.63
C GLY A 142 -3.11 -12.62 28.42
N GLY A 143 -3.30 -12.15 27.19
CA GLY A 143 -4.49 -11.37 26.83
C GLY A 143 -4.63 -10.08 27.61
N SER A 144 -5.77 -9.94 28.28
CA SER A 144 -6.08 -8.74 29.09
C SER A 144 -5.03 -8.46 30.17
N LEU A 145 -4.40 -9.53 30.66
CA LEU A 145 -3.33 -9.44 31.65
C LEU A 145 -2.16 -8.60 31.14
N VAL A 146 -1.80 -8.80 29.87
CA VAL A 146 -0.70 -8.07 29.25
C VAL A 146 -1.12 -6.67 28.80
N LEU A 147 -2.35 -6.55 28.31
CA LEU A 147 -2.87 -5.28 27.80
C LEU A 147 -3.06 -4.23 28.89
N ARG A 148 -3.40 -4.69 30.09
CA ARG A 148 -3.58 -3.81 31.26
C ARG A 148 -2.25 -3.28 31.79
N ALA A 149 -1.17 -4.00 31.52
CA ALA A 149 0.17 -3.59 31.94
C ALA A 149 0.84 -2.66 30.93
N ALA A 150 0.22 -2.51 29.77
CA ALA A 150 0.80 -1.72 28.68
C ALA A 150 0.03 -0.42 28.43
N ARG A 151 0.76 0.63 28.10
CA ARG A 151 0.13 1.84 27.58
C ARG A 151 0.10 1.75 26.05
N PRO A 152 -0.98 2.25 25.43
CA PRO A 152 -1.11 2.26 23.97
C PRO A 152 0.20 2.62 23.27
N GLY A 153 0.63 1.75 22.35
CA GLY A 153 1.84 1.98 21.56
C GLY A 153 3.11 1.45 22.17
N GLN A 154 3.04 0.93 23.40
CA GLN A 154 4.21 0.37 24.07
C GLN A 154 4.62 -0.98 23.46
N ILE A 155 3.64 -1.75 23.01
CA ILE A 155 3.91 -3.03 22.37
C ILE A 155 4.07 -2.84 20.86
N VAL A 156 5.25 -3.14 20.34
CA VAL A 156 5.48 -3.09 18.90
C VAL A 156 5.70 -4.53 18.40
N PRO A 157 4.87 -4.99 17.45
CA PRO A 157 4.92 -6.41 17.08
C PRO A 157 6.05 -6.72 16.12
N VAL A 158 6.59 -7.94 16.24
CA VAL A 158 7.74 -8.38 15.45
C VAL A 158 7.32 -9.28 14.26
N ASP A 159 6.20 -9.97 14.39
CA ASP A 159 5.64 -10.82 13.34
C ASP A 159 5.45 -10.01 12.07
N SER A 160 5.88 -10.55 10.94
CA SER A 160 5.75 -9.87 9.65
C SER A 160 4.30 -9.44 9.35
N GLU A 161 3.32 -10.27 9.70
CA GLU A 161 1.91 -9.96 9.46
C GLU A 161 1.46 -8.73 10.26
N HIS A 162 1.79 -8.69 11.55
CA HIS A 162 1.45 -7.54 12.39
C HIS A 162 2.23 -6.31 12.04
N SER A 163 3.51 -6.49 11.68
CA SER A 163 4.34 -5.38 11.22
C SER A 163 3.71 -4.74 9.99
N ALA A 164 3.26 -5.59 9.05
CA ALA A 164 2.58 -5.15 7.84
C ALA A 164 1.33 -4.34 8.13
N LEU A 165 0.50 -4.82 9.06
CA LEU A 165 -0.72 -4.11 9.43
C LEU A 165 -0.43 -2.74 10.03
N ALA A 166 0.56 -2.68 10.94
CA ALA A 166 0.96 -1.41 11.55
C ALA A 166 1.37 -0.40 10.47
N GLN A 167 2.12 -0.85 9.47
CA GLN A 167 2.50 0.03 8.38
C GLN A 167 1.29 0.47 7.53
N CYS A 168 0.41 -0.47 7.18
CA CYS A 168 -0.74 -0.19 6.30
C CYS A 168 -1.79 0.67 6.99
N LEU A 169 -1.86 0.58 8.32
CA LEU A 169 -2.78 1.40 9.11
C LEU A 169 -2.39 2.88 9.09
N ARG A 170 -1.16 3.18 8.68
CA ARG A 170 -0.76 4.56 8.41
C ARG A 170 -1.54 5.13 7.21
N GLY A 171 -2.26 4.26 6.49
CA GLY A 171 -3.00 4.65 5.28
C GLY A 171 -4.29 5.41 5.53
N GLY A 172 -4.72 5.47 6.78
CA GLY A 172 -5.93 6.23 7.14
C GLY A 172 -6.00 6.44 8.62
N THR A 173 -7.08 7.05 9.09
CA THR A 173 -7.27 7.22 10.53
C THR A 173 -8.10 6.04 11.05
N PRO A 174 -8.06 5.80 12.39
CA PRO A 174 -8.78 4.63 12.95
C PRO A 174 -10.24 4.50 12.50
N ASP A 175 -10.95 5.62 12.34
CA ASP A 175 -12.37 5.61 11.95
C ASP A 175 -12.62 5.22 10.48
N GLU A 176 -11.55 5.14 9.71
CA GLU A 176 -11.63 4.82 8.29
C GLU A 176 -11.29 3.36 7.99
N VAL A 177 -10.85 2.62 9.01
CA VAL A 177 -10.51 1.21 8.84
C VAL A 177 -11.77 0.34 8.69
N ALA A 178 -11.87 -0.38 7.58
CA ALA A 178 -13.02 -1.28 7.39
C ALA A 178 -12.68 -2.73 7.75
N LYS A 179 -11.52 -3.20 7.30
CA LYS A 179 -11.14 -4.59 7.48
C LYS A 179 -9.64 -4.71 7.59
N LEU A 180 -9.17 -5.62 8.42
CA LEU A 180 -7.76 -6.02 8.38
C LEU A 180 -7.72 -7.37 7.65
N VAL A 181 -6.77 -7.53 6.75
CA VAL A 181 -6.72 -8.73 5.93
C VAL A 181 -5.36 -9.36 6.09
N LEU A 182 -5.30 -10.50 6.76
CA LEU A 182 -4.04 -11.23 6.91
C LEU A 182 -3.86 -12.18 5.74
N THR A 183 -2.64 -12.27 5.24
CA THR A 183 -2.33 -13.28 4.24
C THR A 183 -1.76 -14.53 4.92
N ALA A 184 -2.06 -15.69 4.33
CA ALA A 184 -1.51 -16.97 4.79
C ALA A 184 -0.86 -17.67 3.60
N SER A 185 0.30 -18.28 3.82
CA SER A 185 0.94 -19.05 2.74
C SER A 185 0.01 -20.17 2.30
N GLY A 186 -0.76 -20.71 3.24
CA GLY A 186 -1.65 -21.84 2.99
C GLY A 186 -0.98 -23.19 3.26
N GLY A 187 0.33 -23.17 3.55
CA GLY A 187 1.10 -24.37 3.85
C GLY A 187 1.28 -25.30 2.67
N PRO A 188 1.85 -26.50 2.92
CA PRO A 188 2.09 -27.47 1.85
C PRO A 188 0.81 -28.12 1.32
N PHE A 189 -0.31 -27.95 2.03
CA PHE A 189 -1.54 -28.64 1.67
C PHE A 189 -2.60 -27.67 1.16
N ARG A 190 -2.11 -26.52 0.68
CA ARG A 190 -2.91 -25.52 0.01
C ARG A 190 -3.80 -26.21 -1.01
N GLY A 191 -5.10 -25.93 -0.94
CA GLY A 191 -6.06 -26.50 -1.89
C GLY A 191 -6.34 -28.00 -1.85
N TRP A 192 -5.79 -28.72 -0.88
CA TRP A 192 -6.08 -30.17 -0.67
C TRP A 192 -7.47 -30.40 -0.13
N SER A 193 -7.99 -31.61 -0.31
CA SER A 193 -9.30 -31.97 0.26
C SER A 193 -9.14 -32.52 1.67
N ALA A 194 -10.25 -32.56 2.40
CA ALA A 194 -10.28 -33.15 3.75
C ALA A 194 -9.79 -34.59 3.73
N ALA A 195 -10.19 -35.33 2.71
CA ALA A 195 -9.76 -36.72 2.51
C ALA A 195 -8.25 -36.84 2.29
N ASP A 196 -7.71 -36.02 1.40
CA ASP A 196 -6.27 -35.96 1.16
C ASP A 196 -5.46 -35.75 2.43
N LEU A 197 -6.01 -34.98 3.37
CA LEU A 197 -5.31 -34.64 4.62
C LEU A 197 -5.11 -35.81 5.58
N GLU A 198 -6.01 -36.80 5.51
CA GLU A 198 -5.96 -37.93 6.44
C GLU A 198 -4.64 -38.71 6.40
N HIS A 199 -3.97 -38.71 5.26
CA HIS A 199 -2.78 -39.53 5.03
C HIS A 199 -1.47 -38.81 5.27
N VAL A 200 -1.59 -37.55 5.70
CA VAL A 200 -0.44 -36.67 5.89
C VAL A 200 0.52 -37.16 6.97
N THR A 201 1.81 -37.18 6.64
CA THR A 201 2.86 -37.54 7.59
C THR A 201 3.51 -36.27 8.14
N PRO A 202 4.13 -36.36 9.33
CA PRO A 202 4.98 -35.32 9.90
C PRO A 202 5.99 -34.73 8.91
N GLU A 203 6.58 -35.56 8.06
CA GLU A 203 7.56 -35.10 7.09
C GLU A 203 6.92 -34.25 5.98
N GLN A 204 5.71 -34.64 5.56
CA GLN A 204 4.95 -33.88 4.57
C GLN A 204 4.55 -32.48 5.08
N ALA A 205 4.25 -32.38 6.37
CA ALA A 205 3.83 -31.12 6.98
C ALA A 205 5.02 -30.26 7.43
N GLY A 206 6.20 -30.59 6.91
CA GLY A 206 7.45 -29.93 7.32
C GLY A 206 7.96 -30.52 8.62
N PRO A 215 10.18 -27.27 15.12
CA PRO A 215 9.46 -27.51 13.88
C PRO A 215 7.93 -27.39 14.03
N MET A 216 7.46 -27.01 15.22
CA MET A 216 6.03 -26.79 15.46
C MET A 216 5.54 -25.50 14.80
N ASN A 217 6.44 -24.53 14.67
CA ASN A 217 6.18 -23.30 13.93
C ASN A 217 5.82 -23.59 12.47
N THR A 218 6.57 -24.49 11.87
CA THR A 218 6.32 -24.98 10.52
C THR A 218 4.99 -25.75 10.46
N LEU A 219 4.77 -26.61 11.44
CA LEU A 219 3.50 -27.35 11.53
C LEU A 219 2.31 -26.40 11.69
N ASN A 220 2.49 -25.37 12.50
CA ASN A 220 1.42 -24.40 12.73
C ASN A 220 1.05 -23.65 11.46
N SER A 221 2.02 -23.49 10.57
CA SER A 221 1.78 -22.95 9.23
C SER A 221 1.01 -23.94 8.36
N ALA A 222 1.38 -25.22 8.42
CA ALA A 222 0.66 -26.25 7.66
C ALA A 222 -0.80 -26.43 8.13
N SER A 223 -1.03 -26.27 9.42
CA SER A 223 -2.35 -26.49 9.98
C SER A 223 -3.25 -25.26 9.94
N LEU A 224 -2.65 -24.10 9.63
CA LEU A 224 -3.32 -22.78 9.68
C LEU A 224 -3.57 -22.27 11.11
N VAL A 225 -3.05 -22.99 12.11
CA VAL A 225 -3.10 -22.52 13.50
C VAL A 225 -2.25 -21.28 13.70
N ASN A 226 -1.10 -21.20 13.01
CA ASN A 226 -0.30 -19.97 13.03
C ASN A 226 -1.14 -18.72 12.73
N LYS A 227 -1.94 -18.80 11.69
CA LYS A 227 -2.80 -17.68 11.29
C LYS A 227 -3.90 -17.44 12.31
N GLY A 228 -4.43 -18.52 12.87
CA GLY A 228 -5.39 -18.42 13.99
C GLY A 228 -4.83 -17.59 15.12
N LEU A 229 -3.60 -17.89 15.52
CA LEU A 229 -2.91 -17.19 16.58
C LEU A 229 -2.67 -15.71 16.22
N GLU A 230 -2.33 -15.45 14.96
CA GLU A 230 -2.08 -14.10 14.48
C GLU A 230 -3.34 -13.25 14.44
N VAL A 231 -4.47 -13.89 14.15
CA VAL A 231 -5.79 -13.24 14.13
C VAL A 231 -6.20 -12.83 15.56
N ILE A 232 -5.92 -13.71 16.53
CA ILE A 232 -6.12 -13.40 17.94
C ILE A 232 -5.23 -12.21 18.37
N GLU A 233 -3.95 -12.29 18.04
CA GLU A 233 -3.01 -11.19 18.32
C GLU A 233 -3.43 -9.88 17.63
N THR A 234 -3.92 -9.99 16.39
CA THR A 234 -4.38 -8.83 15.62
C THR A 234 -5.52 -8.09 16.34
N HIS A 235 -6.55 -8.84 16.73
CA HIS A 235 -7.63 -8.26 17.54
C HIS A 235 -7.13 -7.57 18.78
N LEU A 236 -6.14 -8.16 19.44
CA LEU A 236 -5.64 -7.66 20.73
C LEU A 236 -4.74 -6.42 20.59
N LEU A 237 -3.87 -6.44 19.58
CA LEU A 237 -2.93 -5.36 19.32
C LEU A 237 -3.61 -4.12 18.75
N PHE A 238 -4.59 -4.33 17.89
CA PHE A 238 -5.15 -3.25 17.08
C PHE A 238 -6.59 -2.88 17.43
N GLY A 239 -7.25 -3.72 18.24
CA GLY A 239 -8.59 -3.45 18.73
C GLY A 239 -9.70 -3.56 17.69
N ILE A 240 -9.43 -4.29 16.61
CA ILE A 240 -10.44 -4.50 15.57
C ILE A 240 -11.25 -5.77 15.88
N PRO A 241 -12.60 -5.68 15.82
CA PRO A 241 -13.46 -6.84 16.07
C PRO A 241 -13.11 -8.03 15.17
N TYR A 242 -13.29 -9.24 15.71
CA TYR A 242 -12.94 -10.46 14.96
C TYR A 242 -13.64 -10.56 13.60
N ASP A 243 -14.88 -10.09 13.49
CA ASP A 243 -15.63 -10.20 12.22
C ASP A 243 -15.12 -9.26 11.12
N ARG A 244 -14.20 -8.36 11.46
CA ARG A 244 -13.52 -7.52 10.44
C ARG A 244 -12.02 -7.84 10.32
N ILE A 245 -11.65 -9.05 10.72
CA ILE A 245 -10.31 -9.58 10.48
C ILE A 245 -10.46 -10.75 9.50
N ASP A 246 -10.01 -10.56 8.26
CA ASP A 246 -10.12 -11.60 7.24
C ASP A 246 -8.78 -12.30 7.08
N VAL A 247 -8.82 -13.49 6.50
CA VAL A 247 -7.60 -14.21 6.11
C VAL A 247 -7.75 -14.61 4.64
N VAL A 248 -6.70 -14.37 3.85
N VAL A 248 -6.69 -14.41 3.87
CA VAL A 248 -6.70 -14.77 2.44
CA VAL A 248 -6.67 -14.75 2.45
C VAL A 248 -5.44 -15.59 2.22
C VAL A 248 -5.42 -15.55 2.16
N VAL A 249 -5.55 -16.63 1.40
CA VAL A 249 -4.41 -17.47 1.05
C VAL A 249 -3.63 -16.84 -0.10
N HIS A 250 -2.33 -16.70 0.10
CA HIS A 250 -1.41 -16.07 -0.83
C HIS A 250 -0.12 -16.86 -0.80
N PRO A 251 0.03 -17.83 -1.73
CA PRO A 251 1.15 -18.78 -1.61
C PRO A 251 2.55 -18.17 -1.75
N GLN A 252 2.67 -17.04 -2.44
CA GLN A 252 3.97 -16.39 -2.61
C GLN A 252 4.53 -15.73 -1.34
N SER A 253 3.67 -15.41 -0.38
CA SER A 253 4.11 -14.75 0.86
C SER A 253 4.88 -13.45 0.61
N ILE A 254 4.47 -12.72 -0.42
CA ILE A 254 5.09 -11.44 -0.75
C ILE A 254 4.34 -10.32 -0.03
N ILE A 255 3.02 -10.26 -0.24
CA ILE A 255 2.14 -9.41 0.58
C ILE A 255 1.94 -10.05 1.96
N HIS A 256 2.29 -9.32 3.02
CA HIS A 256 2.30 -9.87 4.40
C HIS A 256 1.10 -9.53 5.22
N SER A 257 0.30 -8.58 4.73
CA SER A 257 -1.05 -8.26 5.21
C SER A 257 -1.52 -6.97 4.53
N MET A 258 -2.80 -6.64 4.70
CA MET A 258 -3.41 -5.48 4.04
C MET A 258 -4.47 -4.87 4.95
N VAL A 259 -4.77 -3.60 4.71
CA VAL A 259 -5.89 -2.92 5.38
C VAL A 259 -6.81 -2.37 4.30
N THR A 260 -8.09 -2.68 4.40
CA THR A 260 -9.10 -2.11 3.52
C THR A 260 -9.79 -0.99 4.27
N PHE A 261 -9.91 0.16 3.62
CA PHE A 261 -10.47 1.34 4.28
C PHE A 261 -11.90 1.56 3.82
N ILE A 262 -12.63 2.47 4.48
CA ILE A 262 -14.07 2.61 4.24
C ILE A 262 -14.43 3.09 2.82
N ASP A 263 -13.45 3.63 2.10
CA ASP A 263 -13.72 4.13 0.74
C ASP A 263 -13.58 3.08 -0.36
N GLY A 264 -13.04 1.91 -0.02
CA GLY A 264 -12.81 0.86 -1.01
C GLY A 264 -11.34 0.66 -1.35
N SER A 265 -10.48 1.53 -0.81
CA SER A 265 -9.05 1.41 -1.00
C SER A 265 -8.45 0.36 -0.06
N THR A 266 -7.56 -0.46 -0.61
CA THR A 266 -6.73 -1.37 0.20
C THR A 266 -5.27 -0.97 0.10
N ILE A 267 -4.62 -0.89 1.26
CA ILE A 267 -3.20 -0.64 1.36
C ILE A 267 -2.52 -1.94 1.83
N ALA A 268 -1.47 -2.34 1.13
CA ALA A 268 -0.79 -3.62 1.40
C ALA A 268 0.71 -3.38 1.59
N GLN A 269 1.34 -4.24 2.39
CA GLN A 269 2.79 -4.25 2.56
C GLN A 269 3.38 -5.50 1.90
N ALA A 270 4.41 -5.30 1.07
CA ALA A 270 5.04 -6.37 0.31
C ALA A 270 6.54 -6.34 0.47
N SER A 271 7.15 -7.52 0.57
CA SER A 271 8.59 -7.66 0.59
C SER A 271 8.95 -9.14 0.43
N PRO A 272 10.11 -9.45 -0.19
CA PRO A 272 10.51 -10.85 -0.16
C PRO A 272 10.66 -11.25 1.32
N PRO A 273 10.18 -12.45 1.68
CA PRO A 273 10.19 -12.83 3.09
C PRO A 273 11.59 -12.75 3.68
N ASP A 274 11.70 -11.98 4.78
CA ASP A 274 12.97 -11.77 5.48
C ASP A 274 12.57 -11.12 6.79
N MET A 275 12.77 -11.82 7.90
N MET A 275 12.77 -11.82 7.90
CA MET A 275 12.31 -11.33 9.21
CA MET A 275 12.32 -11.35 9.21
C MET A 275 13.08 -10.11 9.71
C MET A 275 13.09 -10.12 9.72
N LYS A 276 14.24 -9.84 9.12
CA LYS A 276 15.04 -8.67 9.52
C LYS A 276 14.28 -7.37 9.25
N LEU A 277 13.36 -7.37 8.30
CA LEU A 277 12.55 -6.19 8.04
C LEU A 277 11.62 -5.85 9.22
N PRO A 278 10.70 -6.77 9.59
CA PRO A 278 9.86 -6.44 10.73
C PRO A 278 10.63 -6.32 12.06
N ILE A 279 11.71 -7.10 12.22
CA ILE A 279 12.60 -6.93 13.39
C ILE A 279 13.16 -5.50 13.46
N SER A 280 13.80 -5.04 12.38
CA SER A 280 14.41 -3.71 12.34
C SER A 280 13.40 -2.59 12.64
N LEU A 281 12.20 -2.71 12.08
CA LEU A 281 11.14 -1.76 12.31
C LEU A 281 10.62 -1.77 13.74
N ALA A 282 10.49 -2.93 14.36
CA ALA A 282 10.04 -3.02 15.75
C ALA A 282 11.06 -2.37 16.69
N LEU A 283 12.34 -2.51 16.36
CA LEU A 283 13.43 -1.92 17.15
C LEU A 283 13.53 -0.40 16.97
N GLY A 284 13.40 0.07 15.73
CA GLY A 284 13.54 1.49 15.41
C GLY A 284 12.27 2.31 15.30
N TRP A 285 11.13 1.67 15.58
CA TRP A 285 9.80 2.31 15.49
C TRP A 285 9.80 3.69 16.13
N PRO A 286 9.25 4.70 15.43
CA PRO A 286 8.57 4.62 14.13
C PRO A 286 9.49 4.86 12.94
N ARG A 287 10.81 4.82 13.17
CA ARG A 287 11.78 5.11 12.12
C ARG A 287 12.29 3.84 11.44
N ARG A 288 12.26 3.84 10.11
CA ARG A 288 12.74 2.69 9.33
C ARG A 288 14.26 2.58 9.39
N VAL A 289 14.78 1.38 9.17
CA VAL A 289 16.22 1.11 9.26
C VAL A 289 16.78 0.84 7.87
N SER A 290 17.59 1.78 7.37
CA SER A 290 18.12 1.69 6.02
C SER A 290 18.83 0.35 5.78
N GLY A 291 18.48 -0.31 4.67
CA GLY A 291 19.14 -1.54 4.23
C GLY A 291 18.85 -2.81 5.02
N ALA A 292 17.77 -2.78 5.81
CA ALA A 292 17.37 -3.93 6.65
C ALA A 292 17.17 -5.22 5.83
N ALA A 293 16.47 -5.12 4.69
CA ALA A 293 16.18 -6.28 3.86
C ALA A 293 16.11 -5.87 2.39
N ALA A 294 16.23 -6.85 1.49
CA ALA A 294 16.11 -6.58 0.06
C ALA A 294 14.67 -6.23 -0.26
N ALA A 295 14.48 -5.33 -1.20
CA ALA A 295 13.15 -4.97 -1.63
C ALA A 295 12.72 -5.81 -2.82
N CYS A 296 11.42 -5.85 -3.06
CA CYS A 296 10.88 -6.43 -4.28
C CYS A 296 11.57 -5.82 -5.47
N ASP A 297 12.00 -6.69 -6.38
CA ASP A 297 12.58 -6.28 -7.65
C ASP A 297 11.60 -6.61 -8.77
N PHE A 298 11.20 -5.61 -9.52
CA PHE A 298 10.23 -5.81 -10.60
C PHE A 298 10.89 -5.89 -11.99
N HIS A 299 12.20 -6.10 -12.01
CA HIS A 299 12.92 -6.34 -13.27
C HIS A 299 12.74 -7.76 -13.74
N THR A 300 12.16 -8.58 -12.85
CA THR A 300 11.83 -9.96 -13.17
C THR A 300 10.32 -10.16 -13.09
N ALA A 301 9.76 -10.90 -14.05
CA ALA A 301 8.33 -11.14 -14.12
C ALA A 301 7.90 -12.09 -13.00
N SER A 302 6.75 -11.81 -12.39
CA SER A 302 6.18 -12.68 -11.35
C SER A 302 4.66 -12.55 -11.33
N SER A 303 3.99 -13.44 -10.59
CA SER A 303 2.57 -13.30 -10.32
C SER A 303 2.25 -13.58 -8.86
N TRP A 304 1.26 -12.87 -8.35
CA TRP A 304 0.83 -12.98 -6.95
C TRP A 304 -0.55 -13.52 -6.96
N GLU A 305 -0.74 -14.67 -6.32
CA GLU A 305 -2.01 -15.38 -6.29
C GLU A 305 -2.70 -15.14 -4.97
N PHE A 306 -4.02 -14.95 -5.03
CA PHE A 306 -4.86 -14.77 -3.85
C PHE A 306 -6.08 -15.66 -4.02
N GLU A 307 -6.46 -16.33 -2.94
CA GLU A 307 -7.62 -17.20 -2.98
C GLU A 307 -8.19 -17.40 -1.57
N PRO A 308 -9.49 -17.69 -1.48
CA PRO A 308 -10.05 -17.91 -0.15
C PRO A 308 -9.51 -19.19 0.46
N LEU A 309 -9.51 -19.24 1.78
CA LEU A 309 -9.21 -20.47 2.51
C LEU A 309 -10.50 -21.29 2.59
N ASP A 310 -10.41 -22.58 2.28
CA ASP A 310 -11.55 -23.48 2.50
C ASP A 310 -11.61 -23.84 3.98
N THR A 311 -12.56 -23.24 4.68
CA THR A 311 -12.64 -23.39 6.14
C THR A 311 -13.29 -24.72 6.55
N ASP A 312 -13.95 -25.37 5.60
CA ASP A 312 -14.41 -26.75 5.78
C ASP A 312 -13.22 -27.70 5.95
N VAL A 313 -12.14 -27.45 5.21
CA VAL A 313 -10.93 -28.28 5.29
C VAL A 313 -9.92 -27.74 6.34
N PHE A 314 -9.86 -26.42 6.50
CA PHE A 314 -8.92 -25.78 7.44
C PHE A 314 -9.64 -24.83 8.42
N PRO A 315 -10.30 -25.38 9.46
CA PRO A 315 -11.10 -24.58 10.41
C PRO A 315 -10.32 -23.88 11.53
N ALA A 316 -9.00 -23.95 11.50
CA ALA A 316 -8.16 -23.39 12.57
C ALA A 316 -8.36 -21.91 12.84
N VAL A 317 -8.58 -21.13 11.77
CA VAL A 317 -8.79 -19.69 11.89
C VAL A 317 -10.19 -19.39 12.45
N GLU A 318 -11.19 -20.13 11.97
CA GLU A 318 -12.55 -20.01 12.47
C GLU A 318 -12.64 -20.36 13.94
N LEU A 319 -11.97 -21.43 14.35
CA LEU A 319 -11.86 -21.81 15.76
C LEU A 319 -11.14 -20.75 16.59
N ALA A 320 -10.15 -20.09 15.99
CA ALA A 320 -9.47 -18.99 16.66
C ALA A 320 -10.39 -17.79 16.89
N ARG A 321 -11.21 -17.46 15.89
CA ARG A 321 -12.21 -16.39 16.01
C ARG A 321 -13.18 -16.68 17.17
N GLN A 322 -13.70 -17.89 17.19
CA GLN A 322 -14.63 -18.35 18.23
C GLN A 322 -14.01 -18.23 19.62
N ALA A 323 -12.80 -18.76 19.78
CA ALA A 323 -12.08 -18.70 21.04
C ALA A 323 -11.83 -17.26 21.46
N GLY A 324 -11.52 -16.42 20.47
CA GLY A 324 -11.25 -15.01 20.69
C GLY A 324 -12.48 -14.25 21.14
N VAL A 325 -13.62 -14.51 20.49
CA VAL A 325 -14.88 -13.84 20.80
C VAL A 325 -15.35 -14.23 22.21
N ALA A 326 -15.18 -15.50 22.56
CA ALA A 326 -15.48 -15.97 23.91
C ALA A 326 -14.62 -15.22 24.92
N GLY A 327 -13.34 -15.09 24.60
CA GLY A 327 -12.42 -14.28 25.39
C GLY A 327 -12.07 -14.90 26.72
N GLY A 328 -11.53 -14.08 27.62
CA GLY A 328 -11.08 -14.54 28.93
C GLY A 328 -9.85 -15.42 28.77
N CYS A 329 -9.95 -16.65 29.25
CA CYS A 329 -8.85 -17.60 29.13
C CYS A 329 -8.98 -18.52 27.92
N MET A 330 -10.01 -18.28 27.11
CA MET A 330 -10.32 -19.16 25.97
C MET A 330 -9.21 -19.21 24.90
N THR A 331 -8.45 -18.13 24.74
CA THR A 331 -7.38 -18.10 23.74
C THR A 331 -6.14 -18.81 24.27
N ALA A 332 -5.93 -18.75 25.59
CA ALA A 332 -4.89 -19.54 26.23
C ALA A 332 -5.15 -21.03 26.02
N VAL A 333 -6.42 -21.41 26.04
CA VAL A 333 -6.86 -22.80 25.87
C VAL A 333 -6.63 -23.27 24.42
N TYR A 334 -7.00 -22.41 23.48
CA TYR A 334 -6.76 -22.66 22.07
C TYR A 334 -5.30 -23.02 21.83
N ASN A 335 -4.39 -22.17 22.28
CA ASN A 335 -2.97 -22.35 22.08
C ASN A 335 -2.42 -23.57 22.80
N ALA A 336 -2.86 -23.78 24.05
CA ALA A 336 -2.37 -24.91 24.84
C ALA A 336 -2.79 -26.24 24.22
N ALA A 337 -4.05 -26.33 23.80
CA ALA A 337 -4.56 -27.55 23.16
C ALA A 337 -3.83 -27.82 21.85
N ASN A 338 -3.55 -26.76 21.08
CA ASN A 338 -2.77 -26.94 19.87
C ASN A 338 -1.41 -27.56 20.16
N GLU A 339 -0.69 -27.01 21.14
CA GLU A 339 0.63 -27.52 21.53
C GLU A 339 0.65 -29.04 21.77
N GLU A 340 -0.36 -29.53 22.47
CA GLU A 340 -0.47 -30.96 22.80
C GLU A 340 -0.94 -31.81 21.62
N ALA A 341 -1.90 -31.30 20.86
CA ALA A 341 -2.38 -32.00 19.67
C ALA A 341 -1.26 -32.09 18.63
N ALA A 342 -0.51 -30.99 18.47
CA ALA A 342 0.62 -30.94 17.52
C ALA A 342 1.73 -31.92 17.89
N ALA A 343 2.09 -31.96 19.17
CA ALA A 343 3.10 -32.91 19.66
C ALA A 343 2.66 -34.36 19.45
N ALA A 344 1.35 -34.61 19.61
CA ALA A 344 0.79 -35.94 19.39
C ALA A 344 0.80 -36.36 17.91
N PHE A 345 0.60 -35.39 17.01
CA PHE A 345 0.70 -35.68 15.57
C PHE A 345 2.15 -36.01 15.18
N LEU A 346 3.09 -35.21 15.68
CA LEU A 346 4.52 -35.42 15.40
C LEU A 346 5.07 -36.72 15.97
N ALA A 347 4.34 -37.31 16.93
CA ALA A 347 4.70 -38.61 17.53
C ALA A 347 3.93 -39.77 16.89
N GLY A 348 3.18 -39.49 15.82
CA GLY A 348 2.42 -40.49 15.09
C GLY A 348 1.17 -41.03 15.79
N ARG A 349 0.75 -40.35 16.85
CA ARG A 349 -0.38 -40.79 17.67
C ARG A 349 -1.74 -40.43 17.08
N ILE A 350 -1.82 -39.26 16.43
CA ILE A 350 -3.06 -38.84 15.78
C ILE A 350 -2.75 -38.46 14.33
N GLY A 351 -3.77 -38.43 13.49
CA GLY A 351 -3.63 -37.95 12.12
C GLY A 351 -3.54 -36.43 12.07
N PHE A 352 -3.20 -35.89 10.91
CA PHE A 352 -3.11 -34.44 10.73
C PHE A 352 -4.43 -33.70 10.97
N PRO A 353 -5.55 -34.19 10.38
CA PRO A 353 -6.82 -33.50 10.62
C PRO A 353 -7.24 -33.46 12.10
N ALA A 354 -6.67 -34.35 12.91
CA ALA A 354 -7.06 -34.44 14.32
C ALA A 354 -6.48 -33.30 15.17
N ILE A 355 -5.43 -32.64 14.69
CA ILE A 355 -4.81 -31.53 15.41
C ILE A 355 -5.87 -30.48 15.74
N VAL A 356 -6.57 -29.98 14.72
CA VAL A 356 -7.60 -28.98 14.89
C VAL A 356 -8.88 -29.57 15.51
N GLY A 357 -9.15 -30.85 15.20
CA GLY A 357 -10.27 -31.56 15.81
C GLY A 357 -10.16 -31.63 17.33
N ILE A 358 -8.95 -31.85 17.82
CA ILE A 358 -8.68 -31.86 19.26
C ILE A 358 -8.82 -30.46 19.86
N ILE A 359 -8.40 -29.43 19.11
CA ILE A 359 -8.59 -28.05 19.56
C ILE A 359 -10.08 -27.76 19.70
N ALA A 360 -10.87 -28.19 18.72
CA ALA A 360 -12.32 -27.97 18.74
C ALA A 360 -12.95 -28.67 19.94
N ASP A 361 -12.54 -29.93 20.16
CA ASP A 361 -13.02 -30.72 21.31
C ASP A 361 -12.74 -30.00 22.64
N VAL A 362 -11.48 -29.66 22.88
CA VAL A 362 -11.05 -28.99 24.11
C VAL A 362 -11.80 -27.67 24.34
N LEU A 363 -11.91 -26.83 23.30
CA LEU A 363 -12.64 -25.56 23.40
C LEU A 363 -14.13 -25.77 23.68
N HIS A 364 -14.71 -26.84 23.15
CA HIS A 364 -16.13 -27.13 23.34
C HIS A 364 -16.46 -27.48 24.77
N ALA A 365 -15.46 -27.98 25.50
CA ALA A 365 -15.62 -28.33 26.91
C ALA A 365 -15.16 -27.21 27.85
N ALA A 366 -14.71 -26.09 27.26
CA ALA A 366 -14.05 -25.02 28.01
C ALA A 366 -14.92 -23.80 28.31
N ASP A 367 -16.23 -24.01 28.37
CA ASP A 367 -17.18 -22.92 28.68
C ASP A 367 -16.99 -22.32 30.08
N GLN A 368 -16.23 -23.02 30.93
CA GLN A 368 -15.85 -22.52 32.24
C GLN A 368 -14.80 -21.42 32.14
N TRP A 369 -14.05 -21.44 31.05
CA TRP A 369 -12.86 -20.58 30.90
C TRP A 369 -13.09 -19.27 30.16
N ALA A 370 -14.35 -18.95 29.89
CA ALA A 370 -14.69 -17.65 29.30
C ALA A 370 -14.67 -16.52 30.35
N VAL A 371 -13.86 -16.69 31.39
CA VAL A 371 -13.73 -15.70 32.46
C VAL A 371 -12.36 -15.03 32.40
N GLU A 372 -12.35 -13.73 32.68
CA GLU A 372 -11.12 -12.93 32.65
C GLU A 372 -10.12 -13.40 33.70
N PRO A 373 -8.85 -13.59 33.29
CA PRO A 373 -7.81 -13.98 34.23
C PRO A 373 -7.35 -12.80 35.10
N ALA A 374 -7.25 -13.03 36.40
CA ALA A 374 -6.83 -11.99 37.34
C ALA A 374 -5.32 -11.98 37.58
N THR A 375 -4.67 -13.13 37.44
CA THR A 375 -3.22 -13.25 37.62
C THR A 375 -2.56 -14.17 36.58
N VAL A 376 -1.24 -14.18 36.57
CA VAL A 376 -0.45 -15.08 35.72
C VAL A 376 -0.81 -16.55 35.97
N ASP A 377 -1.01 -16.90 37.24
CA ASP A 377 -1.36 -18.26 37.64
C ASP A 377 -2.72 -18.72 37.10
N ASP A 378 -3.66 -17.77 36.95
CA ASP A 378 -4.95 -18.05 36.31
C ASP A 378 -4.76 -18.47 34.84
N VAL A 379 -3.78 -17.85 34.19
CA VAL A 379 -3.43 -18.19 32.80
C VAL A 379 -2.83 -19.59 32.74
N LEU A 380 -1.85 -19.86 33.60
CA LEU A 380 -1.19 -21.18 33.65
C LEU A 380 -2.17 -22.30 33.99
N ASP A 381 -3.16 -21.99 34.84
CA ASP A 381 -4.24 -22.92 35.18
C ASP A 381 -5.04 -23.38 33.97
N ALA A 382 -5.48 -22.43 33.15
CA ALA A 382 -6.24 -22.74 31.95
C ALA A 382 -5.42 -23.57 30.97
N GLN A 383 -4.13 -23.29 30.90
CA GLN A 383 -3.25 -23.99 29.97
C GLN A 383 -2.96 -25.42 30.39
N ARG A 384 -2.68 -25.61 31.68
CA ARG A 384 -2.53 -26.95 32.27
C ARG A 384 -3.80 -27.77 32.01
N TRP A 385 -4.96 -27.16 32.26
CA TRP A 385 -6.26 -27.80 32.02
C TRP A 385 -6.45 -28.18 30.58
N ALA A 386 -6.11 -27.26 29.68
CA ALA A 386 -6.22 -27.52 28.24
C ALA A 386 -5.29 -28.66 27.82
N ARG A 387 -4.04 -28.60 28.28
CA ARG A 387 -3.05 -29.64 27.99
C ARG A 387 -3.51 -31.03 28.43
N GLU A 388 -4.11 -31.09 29.61
CA GLU A 388 -4.59 -32.35 30.17
C GLU A 388 -5.82 -32.87 29.44
N ARG A 389 -6.77 -31.99 29.14
CA ARG A 389 -7.97 -32.36 28.40
C ARG A 389 -7.66 -32.72 26.94
N ALA A 390 -6.58 -32.18 26.42
CA ALA A 390 -6.09 -32.50 25.07
C ALA A 390 -5.51 -33.92 25.01
N GLN A 391 -4.72 -34.28 26.03
CA GLN A 391 -4.17 -35.65 26.16
C GLN A 391 -5.27 -36.71 26.29
N ARG A 392 -6.36 -36.34 26.97
CA ARG A 392 -7.57 -37.17 27.06
C ARG A 392 -8.13 -37.51 25.69
N ALA A 393 -8.23 -36.50 24.82
CA ALA A 393 -8.73 -36.69 23.46
C ALA A 393 -7.80 -37.60 22.65
N VAL A 394 -6.50 -37.42 22.81
CA VAL A 394 -5.50 -38.26 22.13
C VAL A 394 -5.66 -39.74 22.50
N SER A 395 -5.95 -40.00 23.77
CA SER A 395 -6.17 -41.36 24.29
C SER A 395 -7.45 -41.99 23.75
N ARG B 20 -19.05 21.27 5.36
CA ARG B 20 -19.36 20.99 3.93
C ARG B 20 -18.38 21.73 3.02
N LEU B 21 -17.71 20.98 2.13
CA LEU B 21 -16.73 21.57 1.22
C LEU B 21 -17.40 22.08 -0.05
N ARG B 22 -17.09 23.32 -0.41
CA ARG B 22 -17.60 23.91 -1.64
C ARG B 22 -16.65 23.53 -2.78
N VAL B 23 -17.18 22.83 -3.77
CA VAL B 23 -16.38 22.30 -4.89
C VAL B 23 -16.77 22.94 -6.22
N VAL B 24 -15.76 23.36 -6.96
CA VAL B 24 -15.93 23.79 -8.33
C VAL B 24 -15.46 22.63 -9.22
N VAL B 25 -16.31 22.18 -10.14
CA VAL B 25 -15.93 21.08 -11.01
C VAL B 25 -15.66 21.61 -12.42
N LEU B 26 -14.39 21.61 -12.81
CA LEU B 26 -14.01 22.04 -14.16
C LEU B 26 -13.85 20.81 -15.04
N GLY B 27 -14.40 20.88 -16.25
CA GLY B 27 -14.44 19.71 -17.15
C GLY B 27 -15.52 18.76 -16.66
N SER B 28 -16.68 19.33 -16.35
CA SER B 28 -17.78 18.61 -15.70
C SER B 28 -18.46 17.57 -16.59
N THR B 29 -18.26 17.65 -17.90
CA THR B 29 -18.99 16.80 -18.83
C THR B 29 -18.22 15.57 -19.30
N GLY B 30 -16.94 15.48 -18.95
CA GLY B 30 -16.16 14.30 -19.28
C GLY B 30 -16.35 13.23 -18.23
N SER B 31 -15.65 12.12 -18.42
CA SER B 31 -15.75 10.97 -17.55
C SER B 31 -15.42 11.33 -16.10
N ILE B 32 -14.31 12.03 -15.88
CA ILE B 32 -13.92 12.39 -14.51
C ILE B 32 -14.95 13.31 -13.86
N GLY B 33 -15.35 14.34 -14.61
CA GLY B 33 -16.33 15.32 -14.11
C GLY B 33 -17.66 14.71 -13.72
N THR B 34 -18.19 13.85 -14.57
CA THR B 34 -19.49 13.21 -14.27
C THR B 34 -19.39 12.31 -13.04
N GLN B 35 -18.30 11.56 -12.93
CA GLN B 35 -18.06 10.72 -11.76
C GLN B 35 -17.89 11.53 -10.48
N ALA B 36 -17.22 12.68 -10.58
CA ALA B 36 -17.10 13.59 -9.44
C ALA B 36 -18.47 14.07 -8.98
N LEU B 37 -19.31 14.46 -9.93
CA LEU B 37 -20.69 14.89 -9.62
C LEU B 37 -21.51 13.79 -8.94
N GLN B 38 -21.33 12.55 -9.39
CA GLN B 38 -21.93 11.38 -8.74
C GLN B 38 -21.47 11.19 -7.29
N VAL B 39 -20.17 11.30 -7.04
CA VAL B 39 -19.63 11.27 -5.67
C VAL B 39 -20.23 12.37 -4.79
N ILE B 40 -20.36 13.57 -5.35
CA ILE B 40 -20.90 14.72 -4.62
C ILE B 40 -22.39 14.52 -4.35
N ALA B 41 -23.12 14.09 -5.36
CA ALA B 41 -24.56 13.77 -5.21
C ALA B 41 -24.81 12.68 -4.15
N ASP B 42 -23.91 11.70 -4.05
CA ASP B 42 -23.97 10.65 -3.02
C ASP B 42 -23.59 11.13 -1.62
N ASN B 43 -22.89 12.27 -1.54
CA ASN B 43 -22.39 12.72 -0.26
C ASN B 43 -22.72 14.17 0.08
N PRO B 44 -24.01 14.55 0.09
CA PRO B 44 -24.36 15.97 0.33
C PRO B 44 -23.93 16.51 1.69
N ASP B 45 -23.62 15.63 2.63
CA ASP B 45 -23.12 16.05 3.95
C ASP B 45 -21.70 16.60 3.94
N ARG B 46 -20.92 16.19 2.93
N ARG B 46 -20.87 16.20 2.98
CA ARG B 46 -19.50 16.51 2.87
CA ARG B 46 -19.50 16.70 2.95
C ARG B 46 -19.14 17.48 1.74
C ARG B 46 -19.14 17.57 1.75
N PHE B 47 -19.98 17.56 0.72
CA PHE B 47 -19.68 18.32 -0.50
C PHE B 47 -20.88 19.09 -1.04
N GLU B 48 -20.60 20.28 -1.55
CA GLU B 48 -21.60 21.07 -2.27
C GLU B 48 -20.95 21.61 -3.54
N VAL B 49 -21.56 21.38 -4.70
CA VAL B 49 -21.06 21.93 -5.97
C VAL B 49 -21.45 23.40 -6.03
N VAL B 50 -20.46 24.26 -6.24
CA VAL B 50 -20.70 25.69 -6.34
C VAL B 50 -20.36 26.25 -7.72
N GLY B 51 -19.80 25.41 -8.60
CA GLY B 51 -19.51 25.84 -9.96
C GLY B 51 -19.25 24.70 -10.91
N LEU B 52 -19.55 24.90 -12.19
CA LEU B 52 -19.28 23.93 -13.24
C LEU B 52 -18.67 24.62 -14.47
N ALA B 53 -17.70 23.98 -15.10
CA ALA B 53 -17.15 24.50 -16.36
C ALA B 53 -16.96 23.35 -17.32
N ALA B 54 -17.21 23.64 -18.59
CA ALA B 54 -17.01 22.67 -19.66
C ALA B 54 -16.26 23.33 -20.81
N GLY B 55 -15.52 22.54 -21.57
CA GLY B 55 -14.86 23.00 -22.79
C GLY B 55 -15.87 23.48 -23.82
N GLY B 56 -16.94 22.73 -23.98
CA GLY B 56 -17.98 23.13 -24.95
C GLY B 56 -18.45 22.03 -25.86
N ALA B 57 -17.67 20.96 -25.99
CA ALA B 57 -18.05 19.78 -26.80
C ALA B 57 -19.38 19.13 -26.36
N HIS B 58 -19.68 19.13 -25.06
CA HIS B 58 -20.86 18.39 -24.58
C HIS B 58 -21.80 19.29 -23.85
N LEU B 59 -22.31 20.28 -24.58
CA LEU B 59 -23.21 21.27 -24.02
C LEU B 59 -24.51 20.66 -23.52
N ASP B 60 -24.96 19.59 -24.18
CA ASP B 60 -26.16 18.86 -23.73
C ASP B 60 -25.98 18.38 -22.29
N THR B 61 -24.84 17.76 -22.00
CA THR B 61 -24.51 17.27 -20.67
C THR B 61 -24.49 18.40 -19.64
N LEU B 62 -23.84 19.52 -19.97
CA LEU B 62 -23.75 20.66 -19.06
C LEU B 62 -25.12 21.24 -18.72
N LEU B 63 -25.98 21.39 -19.74
CA LEU B 63 -27.34 21.88 -19.48
C LEU B 63 -28.16 20.95 -18.57
N ARG B 64 -28.01 19.63 -18.74
CA ARG B 64 -28.64 18.66 -17.82
C ARG B 64 -28.07 18.81 -16.43
N GLN B 65 -26.75 19.01 -16.35
CA GLN B 65 -26.09 19.20 -15.06
C GLN B 65 -26.61 20.44 -14.33
N ARG B 66 -26.79 21.53 -15.08
CA ARG B 66 -27.38 22.74 -14.48
C ARG B 66 -28.79 22.44 -13.93
N ALA B 67 -29.61 21.80 -14.75
CA ALA B 67 -30.99 21.44 -14.35
C ALA B 67 -31.03 20.50 -13.14
N GLN B 68 -30.09 19.54 -13.10
CA GLN B 68 -30.04 18.54 -12.02
C GLN B 68 -29.44 19.03 -10.70
N THR B 69 -28.36 19.81 -10.77
CA THR B 69 -27.69 20.31 -9.57
C THR B 69 -28.31 21.61 -9.04
N GLY B 70 -29.00 22.34 -9.91
CA GLY B 70 -29.47 23.68 -9.59
C GLY B 70 -28.35 24.73 -9.58
N VAL B 71 -27.15 24.32 -9.99
CA VAL B 71 -26.01 25.24 -10.05
C VAL B 71 -26.07 26.07 -11.33
N THR B 72 -26.22 27.38 -11.17
CA THR B 72 -26.29 28.27 -12.32
C THR B 72 -24.92 28.93 -12.57
N ASN B 73 -24.00 28.77 -11.61
CA ASN B 73 -22.64 29.30 -11.73
C ASN B 73 -21.79 28.43 -12.69
N ILE B 74 -21.98 28.62 -13.99
CA ILE B 74 -21.42 27.71 -15.00
C ILE B 74 -20.66 28.43 -16.12
N ALA B 75 -19.62 27.79 -16.63
CA ALA B 75 -18.77 28.37 -17.65
C ALA B 75 -18.59 27.45 -18.85
N VAL B 76 -18.42 28.06 -20.02
CA VAL B 76 -18.18 27.35 -21.26
C VAL B 76 -17.03 28.04 -22.00
N ALA B 77 -15.94 27.31 -22.27
CA ALA B 77 -14.74 27.88 -22.90
C ALA B 77 -14.97 28.26 -24.37
N ASP B 78 -15.72 27.43 -25.07
CA ASP B 78 -16.00 27.65 -26.48
C ASP B 78 -17.06 28.72 -26.61
N GLU B 79 -16.64 29.90 -27.06
CA GLU B 79 -17.56 31.05 -27.26
C GLU B 79 -18.74 30.71 -28.17
N HIS B 80 -18.48 29.95 -29.23
CA HIS B 80 -19.50 29.63 -30.22
C HIS B 80 -20.51 28.67 -29.66
N ALA B 81 -20.04 27.72 -28.86
CA ALA B 81 -20.94 26.79 -28.15
C ALA B 81 -21.84 27.54 -27.15
N ALA B 82 -21.25 28.46 -26.40
CA ALA B 82 -22.02 29.25 -25.42
C ALA B 82 -23.09 30.11 -26.09
N GLN B 83 -22.76 30.71 -27.23
CA GLN B 83 -23.71 31.54 -27.98
C GLN B 83 -24.88 30.72 -28.52
N ARG B 84 -24.69 29.42 -28.68
CA ARG B 84 -25.76 28.51 -29.08
C ARG B 84 -26.87 28.49 -28.00
N VAL B 85 -26.47 28.71 -26.75
CA VAL B 85 -27.37 28.70 -25.57
C VAL B 85 -27.88 30.09 -25.23
N GLY B 86 -26.94 31.03 -25.10
CA GLY B 86 -27.25 32.43 -24.82
C GLY B 86 -27.40 32.86 -23.37
N ASP B 87 -27.28 31.93 -22.42
CA ASP B 87 -27.39 32.31 -21.00
C ASP B 87 -26.31 31.69 -20.12
N ILE B 88 -25.14 31.46 -20.71
CA ILE B 88 -23.99 30.99 -19.93
C ILE B 88 -23.27 32.20 -19.32
N PRO B 89 -23.17 32.26 -17.98
CA PRO B 89 -22.55 33.41 -17.29
C PRO B 89 -21.07 33.68 -17.61
N TYR B 90 -20.23 32.65 -17.75
CA TYR B 90 -18.84 32.89 -18.18
C TYR B 90 -18.64 32.14 -19.48
N HIS B 91 -18.18 32.84 -20.51
CA HIS B 91 -18.04 32.22 -21.83
C HIS B 91 -16.85 32.74 -22.55
N GLY B 92 -16.29 31.90 -23.40
CA GLY B 92 -15.19 32.32 -24.26
C GLY B 92 -13.87 32.25 -23.54
N SER B 93 -12.93 33.07 -24.02
CA SER B 93 -11.56 33.11 -23.54
C SER B 93 -11.48 33.18 -22.03
N ASP B 94 -10.84 32.16 -21.45
CA ASP B 94 -10.53 32.14 -20.03
C ASP B 94 -11.79 32.07 -19.17
N ALA B 95 -12.88 31.54 -19.71
CA ALA B 95 -14.14 31.45 -18.93
C ALA B 95 -13.91 30.63 -17.66
N ALA B 96 -13.19 29.51 -17.77
CA ALA B 96 -12.99 28.64 -16.62
C ALA B 96 -12.13 29.30 -15.54
N THR B 97 -11.11 30.02 -15.99
CA THR B 97 -10.19 30.76 -15.12
C THR B 97 -10.97 31.83 -14.36
N ARG B 98 -11.84 32.54 -15.06
CA ARG B 98 -12.63 33.59 -14.42
C ARG B 98 -13.61 33.03 -13.40
N LEU B 99 -14.20 31.87 -13.71
CA LEU B 99 -15.10 31.22 -12.76
C LEU B 99 -14.35 30.89 -11.47
N VAL B 100 -13.17 30.32 -11.63
CA VAL B 100 -12.31 29.98 -10.49
C VAL B 100 -11.95 31.23 -9.67
N GLU B 101 -11.50 32.28 -10.34
CA GLU B 101 -11.13 33.54 -9.65
C GLU B 101 -12.30 34.16 -8.89
N GLN B 102 -13.52 33.96 -9.39
CA GLN B 102 -14.69 34.69 -8.87
C GLN B 102 -15.61 33.90 -7.93
N THR B 103 -15.32 32.61 -7.75
CA THR B 103 -16.16 31.71 -6.97
C THR B 103 -15.43 31.28 -5.69
N GLU B 104 -16.05 31.55 -4.56
CA GLU B 104 -15.53 31.11 -3.27
C GLU B 104 -15.69 29.59 -3.19
N ALA B 105 -14.57 28.89 -3.00
CA ALA B 105 -14.59 27.44 -2.99
C ALA B 105 -13.52 26.85 -2.09
N ASP B 106 -13.72 25.61 -1.67
CA ASP B 106 -12.73 24.96 -0.83
C ASP B 106 -11.84 24.05 -1.69
N VAL B 107 -12.41 23.50 -2.75
CA VAL B 107 -11.70 22.58 -3.66
C VAL B 107 -12.07 22.90 -5.11
N VAL B 108 -11.07 22.90 -5.96
CA VAL B 108 -11.31 23.02 -7.38
C VAL B 108 -10.84 21.73 -8.00
N LEU B 109 -11.78 21.02 -8.63
CA LEU B 109 -11.42 19.83 -9.38
C LEU B 109 -11.14 20.24 -10.82
N ASN B 110 -9.91 20.07 -11.27
CA ASN B 110 -9.59 20.45 -12.66
C ASN B 110 -9.46 19.22 -13.57
N ALA B 111 -10.56 18.88 -14.27
CA ALA B 111 -10.53 17.81 -15.27
C ALA B 111 -10.79 18.36 -16.66
N LEU B 112 -10.40 19.60 -16.91
CA LEU B 112 -10.47 20.14 -18.27
C LEU B 112 -9.46 19.40 -19.17
N VAL B 113 -9.71 19.43 -20.48
CA VAL B 113 -8.89 18.73 -21.48
C VAL B 113 -7.76 19.61 -21.97
N GLY B 114 -6.55 19.06 -22.02
CA GLY B 114 -5.41 19.70 -22.68
C GLY B 114 -5.08 21.10 -22.24
N ALA B 115 -4.90 21.99 -23.21
CA ALA B 115 -4.42 23.37 -22.98
C ALA B 115 -5.37 24.23 -22.12
N LEU B 116 -6.65 23.90 -22.12
CA LEU B 116 -7.62 24.64 -21.32
C LEU B 116 -7.36 24.52 -19.81
N GLY B 117 -6.54 23.56 -19.40
CA GLY B 117 -6.33 23.32 -17.98
C GLY B 117 -5.36 24.23 -17.22
N LEU B 118 -4.37 24.78 -17.93
CA LEU B 118 -3.24 25.47 -17.27
C LEU B 118 -3.63 26.72 -16.48
N ARG B 119 -4.29 27.67 -17.15
CA ARG B 119 -4.65 28.91 -16.44
C ARG B 119 -5.62 28.69 -15.26
N PRO B 120 -6.63 27.79 -15.41
CA PRO B 120 -7.46 27.53 -14.20
C PRO B 120 -6.69 26.86 -13.06
N THR B 121 -5.74 26.00 -13.39
CA THR B 121 -4.87 25.44 -12.35
C THR B 121 -4.19 26.57 -11.58
N LEU B 122 -3.58 27.51 -12.31
CA LEU B 122 -2.87 28.61 -11.65
C LEU B 122 -3.84 29.51 -10.88
N ALA B 123 -5.04 29.74 -11.42
CA ALA B 123 -6.03 30.56 -10.71
C ALA B 123 -6.49 29.88 -9.43
N ALA B 124 -6.71 28.57 -9.49
CA ALA B 124 -7.20 27.80 -8.36
C ALA B 124 -6.20 27.89 -7.21
N LEU B 125 -4.93 27.68 -7.55
CA LEU B 125 -3.84 27.72 -6.57
C LEU B 125 -3.71 29.10 -5.88
N LYS B 126 -3.88 30.18 -6.66
CA LYS B 126 -3.82 31.54 -6.13
C LYS B 126 -4.95 31.87 -5.16
N THR B 127 -6.11 31.23 -5.34
CA THR B 127 -7.24 31.38 -4.41
C THR B 127 -7.00 30.76 -3.02
N GLY B 128 -6.03 29.85 -2.91
CA GLY B 128 -5.80 29.14 -1.67
C GLY B 128 -6.57 27.82 -1.54
N ALA B 129 -7.44 27.52 -2.51
CA ALA B 129 -8.22 26.29 -2.46
C ALA B 129 -7.36 25.08 -2.75
N ARG B 130 -7.81 23.93 -2.27
CA ARG B 130 -7.21 22.65 -2.70
C ARG B 130 -7.47 22.46 -4.19
N LEU B 131 -6.45 22.03 -4.92
CA LEU B 131 -6.58 21.72 -6.32
C LEU B 131 -6.56 20.20 -6.48
N ALA B 132 -7.73 19.64 -6.81
CA ALA B 132 -7.81 18.20 -7.13
C ALA B 132 -7.53 18.12 -8.62
N LEU B 133 -6.30 17.69 -8.96
CA LEU B 133 -5.84 17.84 -10.34
C LEU B 133 -6.00 16.55 -11.17
N ALA B 134 -6.76 16.66 -12.26
CA ALA B 134 -6.91 15.54 -13.20
C ALA B 134 -6.21 15.87 -14.52
N ASN B 135 -6.22 17.15 -14.87
CA ASN B 135 -5.62 17.67 -16.12
C ASN B 135 -4.10 17.48 -16.13
N LYS B 136 -3.59 16.64 -17.02
CA LYS B 136 -2.15 16.30 -17.06
C LYS B 136 -1.28 17.43 -17.59
N GLU B 137 -1.77 18.13 -18.61
CA GLU B 137 -1.04 19.23 -19.23
C GLU B 137 -0.62 20.31 -18.22
N SER B 138 -1.49 20.61 -17.25
CA SER B 138 -1.17 21.57 -16.18
C SER B 138 0.20 21.37 -15.59
N LEU B 139 0.46 20.15 -15.10
CA LEU B 139 1.70 19.87 -14.43
C LEU B 139 2.81 19.57 -15.42
N VAL B 140 2.51 18.75 -16.42
CA VAL B 140 3.54 18.35 -17.39
C VAL B 140 4.07 19.59 -18.12
N ALA B 141 3.17 20.43 -18.62
CA ALA B 141 3.57 21.62 -19.38
C ALA B 141 3.97 22.78 -18.44
N GLY B 142 3.17 23.00 -17.41
CA GLY B 142 3.37 24.11 -16.49
C GLY B 142 4.59 23.89 -15.59
N GLY B 143 4.89 22.65 -15.25
CA GLY B 143 6.08 22.34 -14.42
C GLY B 143 6.20 23.25 -13.20
N SER B 144 7.38 23.84 -13.02
CA SER B 144 7.66 24.67 -11.84
C SER B 144 6.84 25.95 -11.76
N LEU B 145 6.30 26.43 -12.90
CA LEU B 145 5.34 27.54 -12.91
C LEU B 145 4.17 27.21 -12.00
N VAL B 146 3.67 25.98 -12.15
CA VAL B 146 2.57 25.47 -11.32
C VAL B 146 3.02 25.20 -9.88
N LEU B 147 4.16 24.55 -9.73
CA LEU B 147 4.70 24.26 -8.40
C LEU B 147 4.95 25.52 -7.57
N ARG B 148 5.51 26.57 -8.19
CA ARG B 148 5.72 27.89 -7.55
C ARG B 148 4.45 28.47 -6.92
N ALA B 149 3.30 28.22 -7.57
CA ALA B 149 2.01 28.77 -7.15
C ALA B 149 1.39 28.00 -5.99
N ALA B 150 1.90 26.81 -5.68
CA ALA B 150 1.28 25.92 -4.72
C ALA B 150 1.98 25.91 -3.36
N ARG B 151 1.20 25.80 -2.29
CA ARG B 151 1.77 25.49 -0.98
C ARG B 151 1.85 23.96 -0.84
N PRO B 152 2.74 23.47 0.04
CA PRO B 152 2.80 22.03 0.32
C PRO B 152 1.41 21.42 0.57
N GLY B 153 1.11 20.32 -0.12
CA GLY B 153 -0.14 19.61 0.03
C GLY B 153 -1.38 20.23 -0.62
N GLN B 154 -1.20 21.31 -1.37
CA GLN B 154 -2.35 22.01 -1.98
C GLN B 154 -2.83 21.31 -3.26
N ILE B 155 -1.90 20.70 -3.98
CA ILE B 155 -2.25 19.91 -5.16
C ILE B 155 -2.46 18.45 -4.72
N VAL B 156 -3.65 17.91 -4.99
CA VAL B 156 -3.96 16.52 -4.69
C VAL B 156 -4.31 15.84 -6.00
N PRO B 157 -3.61 14.72 -6.31
CA PRO B 157 -3.79 14.16 -7.65
C PRO B 157 -5.05 13.29 -7.77
N VAL B 158 -5.64 13.28 -8.96
CA VAL B 158 -6.86 12.52 -9.25
C VAL B 158 -6.55 11.22 -10.01
N ASP B 159 -5.48 11.23 -10.80
CA ASP B 159 -5.01 10.05 -11.53
C ASP B 159 -4.82 8.87 -10.55
N SER B 160 -5.27 7.69 -10.97
CA SER B 160 -5.18 6.47 -10.15
C SER B 160 -3.79 6.22 -9.61
N GLU B 161 -2.80 6.28 -10.50
CA GLU B 161 -1.40 6.06 -10.12
C GLU B 161 -0.90 7.04 -9.09
N HIS B 162 -1.13 8.33 -9.29
CA HIS B 162 -0.61 9.32 -8.34
C HIS B 162 -1.38 9.29 -7.04
N SER B 163 -2.67 9.03 -7.11
CA SER B 163 -3.48 8.83 -5.86
C SER B 163 -2.92 7.70 -5.00
N ALA B 164 -2.65 6.55 -5.64
CA ALA B 164 -2.02 5.42 -4.96
C ALA B 164 -0.72 5.82 -4.29
N LEU B 165 0.15 6.51 -5.03
CA LEU B 165 1.44 6.98 -4.50
C LEU B 165 1.27 7.87 -3.27
N ALA B 166 0.34 8.83 -3.36
CA ALA B 166 0.07 9.73 -2.24
C ALA B 166 -0.34 8.94 -1.00
N GLN B 167 -1.18 7.94 -1.19
CA GLN B 167 -1.63 7.07 -0.10
C GLN B 167 -0.48 6.24 0.46
N CYS B 168 0.33 5.66 -0.43
CA CYS B 168 1.45 4.80 -0.03
C CYS B 168 2.57 5.58 0.64
N LEU B 169 2.74 6.84 0.27
CA LEU B 169 3.74 7.69 0.92
C LEU B 169 3.47 7.98 2.41
N ARG B 170 2.23 7.76 2.86
CA ARG B 170 1.93 7.83 4.30
C ARG B 170 2.67 6.75 5.09
N GLY B 171 3.29 5.82 4.38
CA GLY B 171 4.02 4.68 4.99
C GLY B 171 5.36 5.00 5.62
N GLY B 172 5.85 6.21 5.39
CA GLY B 172 7.08 6.67 6.03
C GLY B 172 7.31 8.15 5.79
N THR B 173 8.45 8.66 6.26
CA THR B 173 8.84 10.05 6.05
C THR B 173 9.54 10.18 4.69
N PRO B 174 9.57 11.41 4.10
CA PRO B 174 10.18 11.60 2.79
C PRO B 174 11.62 11.09 2.64
N ASP B 175 12.40 11.14 3.72
CA ASP B 175 13.80 10.65 3.69
C ASP B 175 13.90 9.12 3.67
N GLU B 176 12.79 8.45 3.98
CA GLU B 176 12.72 7.00 3.99
C GLU B 176 12.31 6.39 2.65
N VAL B 177 11.94 7.24 1.69
CA VAL B 177 11.51 6.80 0.36
C VAL B 177 12.70 6.41 -0.54
N ALA B 178 12.68 5.18 -1.07
CA ALA B 178 13.74 4.72 -1.99
C ALA B 178 13.34 4.80 -3.46
N LYS B 179 12.15 4.29 -3.79
CA LYS B 179 11.68 4.21 -5.17
C LYS B 179 10.18 4.48 -5.22
N LEU B 180 9.72 5.08 -6.31
CA LEU B 180 8.30 5.11 -6.61
C LEU B 180 8.06 4.21 -7.79
N VAL B 181 7.09 3.31 -7.65
CA VAL B 181 6.82 2.35 -8.71
C VAL B 181 5.44 2.55 -9.28
N LEU B 182 5.39 3.00 -10.53
CA LEU B 182 4.14 3.14 -11.24
C LEU B 182 3.81 1.87 -11.99
N THR B 183 2.56 1.44 -11.88
CA THR B 183 2.11 0.31 -12.66
C THR B 183 1.52 0.85 -13.94
N ALA B 184 1.55 0.03 -14.97
CA ALA B 184 1.04 0.34 -16.29
C ALA B 184 0.32 -0.89 -16.83
N SER B 185 -0.85 -0.69 -17.41
CA SER B 185 -1.56 -1.79 -18.08
C SER B 185 -0.70 -2.40 -19.18
N GLY B 186 0.12 -1.57 -19.83
CA GLY B 186 0.90 -1.99 -20.99
C GLY B 186 0.19 -1.64 -22.30
N GLY B 187 -1.08 -1.27 -22.19
CA GLY B 187 -1.93 -0.89 -23.35
C GLY B 187 -2.30 -2.06 -24.25
N PRO B 188 -3.00 -1.78 -25.38
CA PRO B 188 -3.43 -2.85 -26.29
C PRO B 188 -2.30 -3.57 -27.02
N PHE B 189 -1.11 -2.97 -27.07
CA PHE B 189 0.00 -3.59 -27.81
C PHE B 189 1.07 -4.21 -26.93
N ARG B 190 0.72 -4.45 -25.67
CA ARG B 190 1.59 -5.20 -24.76
C ARG B 190 2.01 -6.52 -25.41
N GLY B 191 3.31 -6.81 -25.37
CA GLY B 191 3.86 -7.99 -26.01
C GLY B 191 4.03 -7.93 -27.53
N TRP B 192 3.73 -6.79 -28.15
CA TRP B 192 3.94 -6.68 -29.61
C TRP B 192 5.37 -6.39 -29.94
N SER B 193 5.80 -6.86 -31.11
CA SER B 193 7.14 -6.58 -31.58
C SER B 193 7.17 -5.21 -32.24
N ALA B 194 8.38 -4.65 -32.34
CA ALA B 194 8.60 -3.41 -33.05
C ALA B 194 8.12 -3.53 -34.50
N ALA B 195 8.36 -4.69 -35.10
CA ALA B 195 7.89 -4.98 -36.46
C ALA B 195 6.36 -5.04 -36.55
N ASP B 196 5.71 -5.56 -35.51
CA ASP B 196 4.25 -5.62 -35.44
C ASP B 196 3.61 -4.23 -35.40
N LEU B 197 4.26 -3.30 -34.71
CA LEU B 197 3.72 -1.95 -34.52
C LEU B 197 3.72 -1.13 -35.81
N GLU B 198 4.63 -1.48 -36.73
CA GLU B 198 4.77 -0.75 -37.99
C GLU B 198 3.43 -0.64 -38.72
N HIS B 199 2.63 -1.70 -38.63
CA HIS B 199 1.39 -1.80 -39.38
C HIS B 199 0.17 -1.32 -38.63
N VAL B 200 0.33 -0.96 -37.35
CA VAL B 200 -0.79 -0.53 -36.50
C VAL B 200 -1.60 0.63 -37.11
N THR B 201 -2.93 0.54 -37.04
CA THR B 201 -3.81 1.63 -37.48
C THR B 201 -4.34 2.40 -36.26
N PRO B 202 -4.84 3.63 -36.47
CA PRO B 202 -5.44 4.38 -35.36
C PRO B 202 -6.56 3.61 -34.67
N GLU B 203 -7.45 3.00 -35.47
CA GLU B 203 -8.58 2.23 -34.94
C GLU B 203 -8.12 1.04 -34.09
N GLN B 204 -7.01 0.40 -34.48
CA GLN B 204 -6.40 -0.65 -33.67
C GLN B 204 -5.94 -0.15 -32.30
N ALA B 205 -5.57 1.13 -32.21
CA ALA B 205 -5.18 1.74 -30.93
C ALA B 205 -6.40 2.20 -30.13
N GLY B 206 -7.59 2.03 -30.70
CA GLY B 206 -8.83 2.42 -30.03
C GLY B 206 -9.26 3.84 -30.33
N ALA B 207 -8.56 4.50 -31.25
CA ALA B 207 -8.83 5.89 -31.56
C ALA B 207 -9.70 6.03 -32.80
N HIS B 208 -10.77 6.81 -32.67
CA HIS B 208 -11.67 7.07 -33.78
C HIS B 208 -11.78 8.55 -34.04
N PRO B 209 -10.90 9.07 -34.93
CA PRO B 209 -10.69 10.49 -35.30
C PRO B 209 -11.97 11.34 -35.38
N THR B 210 -11.87 12.61 -34.98
CA THR B 210 -13.04 13.46 -34.79
C THR B 210 -12.72 14.95 -35.01
N TRP B 211 -13.76 15.79 -34.95
CA TRP B 211 -13.59 17.24 -34.88
C TRP B 211 -13.55 17.65 -33.44
N ASN B 217 -6.40 10.35 -25.37
CA ASN B 217 -6.02 9.51 -24.24
C ASN B 217 -5.78 8.03 -24.62
N THR B 218 -6.70 7.46 -25.39
CA THR B 218 -6.59 6.06 -25.77
C THR B 218 -5.32 5.83 -26.61
N LEU B 219 -5.02 6.74 -27.54
CA LEU B 219 -3.77 6.65 -28.30
C LEU B 219 -2.50 6.78 -27.43
N ASN B 220 -2.50 7.74 -26.52
CA ASN B 220 -1.39 7.95 -25.57
C ASN B 220 -1.20 6.76 -24.65
N SER B 221 -2.29 6.06 -24.36
CA SER B 221 -2.21 4.83 -23.58
C SER B 221 -1.53 3.73 -24.40
N ALA B 222 -1.90 3.62 -25.68
CA ALA B 222 -1.30 2.63 -26.58
C ALA B 222 0.19 2.86 -26.86
N SER B 223 0.58 4.14 -26.96
CA SER B 223 1.98 4.48 -27.25
C SER B 223 2.85 4.50 -26.00
N LEU B 224 2.21 4.38 -24.83
CA LEU B 224 2.88 4.47 -23.53
C LEU B 224 3.32 5.91 -23.21
N VAL B 225 2.96 6.86 -24.08
CA VAL B 225 3.20 8.27 -23.78
C VAL B 225 2.42 8.72 -22.52
N ASN B 226 1.23 8.18 -22.33
N ASN B 226 1.21 8.20 -22.33
CA ASN B 226 0.48 8.47 -21.11
CA ASN B 226 0.46 8.50 -21.10
C ASN B 226 1.30 8.14 -19.86
C ASN B 226 1.28 8.13 -19.84
N LYS B 227 2.01 7.01 -19.90
CA LYS B 227 2.84 6.57 -18.76
C LYS B 227 4.06 7.47 -18.59
N GLY B 228 4.63 7.94 -19.71
CA GLY B 228 5.71 8.92 -19.66
C GLY B 228 5.28 10.22 -19.02
N LEU B 229 4.05 10.66 -19.34
CA LEU B 229 3.47 11.87 -18.73
C LEU B 229 3.30 11.67 -17.21
N GLU B 230 2.85 10.48 -16.83
CA GLU B 230 2.64 10.19 -15.41
C GLU B 230 3.94 10.15 -14.63
N VAL B 231 5.02 9.68 -15.27
CA VAL B 231 6.36 9.71 -14.68
C VAL B 231 6.80 11.15 -14.42
N ILE B 232 6.56 12.03 -15.39
CA ILE B 232 6.91 13.46 -15.21
C ILE B 232 6.09 14.05 -14.04
N GLU B 233 4.79 13.77 -14.03
CA GLU B 233 3.92 14.28 -12.96
C GLU B 233 4.34 13.78 -11.59
N THR B 234 4.73 12.51 -11.54
CA THR B 234 5.23 11.88 -10.32
C THR B 234 6.43 12.64 -9.77
N HIS B 235 7.38 12.98 -10.65
CA HIS B 235 8.56 13.75 -10.21
C HIS B 235 8.21 15.11 -9.67
N LEU B 236 7.27 15.78 -10.34
CA LEU B 236 6.86 17.13 -9.97
C LEU B 236 6.01 17.16 -8.68
N LEU B 237 5.09 16.22 -8.53
CA LEU B 237 4.20 16.17 -7.36
C LEU B 237 4.93 15.75 -6.10
N PHE B 238 5.85 14.80 -6.23
CA PHE B 238 6.37 14.12 -5.04
C PHE B 238 7.85 14.37 -4.78
N GLY B 239 8.55 14.97 -5.75
CA GLY B 239 9.94 15.43 -5.56
C GLY B 239 10.97 14.30 -5.53
N ILE B 240 10.66 13.19 -6.19
CA ILE B 240 11.54 12.03 -6.23
C ILE B 240 12.34 12.06 -7.54
N PRO B 241 13.67 11.82 -7.49
CA PRO B 241 14.49 11.85 -8.72
C PRO B 241 13.97 10.90 -9.79
N TYR B 242 14.15 11.26 -11.07
CA TYR B 242 13.69 10.41 -12.17
C TYR B 242 14.25 9.00 -12.18
N ASP B 243 15.50 8.83 -11.77
CA ASP B 243 16.09 7.50 -11.77
C ASP B 243 15.57 6.63 -10.60
N ARG B 244 14.73 7.20 -9.76
CA ARG B 244 14.09 6.45 -8.66
C ARG B 244 12.57 6.34 -8.86
N ILE B 245 12.14 6.57 -10.10
CA ILE B 245 10.76 6.36 -10.52
C ILE B 245 10.73 5.24 -11.55
N ASP B 246 10.17 4.10 -11.16
CA ASP B 246 10.13 2.91 -11.99
C ASP B 246 8.73 2.73 -12.55
N VAL B 247 8.64 2.00 -13.67
CA VAL B 247 7.35 1.60 -14.24
C VAL B 247 7.32 0.06 -14.39
N VAL B 248 6.27 -0.55 -13.87
CA VAL B 248 6.07 -2.00 -14.01
C VAL B 248 4.76 -2.28 -14.71
N VAL B 249 4.80 -3.22 -15.63
CA VAL B 249 3.60 -3.60 -16.35
C VAL B 249 2.81 -4.60 -15.51
N HIS B 250 1.55 -4.27 -15.31
CA HIS B 250 0.64 -5.00 -14.46
C HIS B 250 -0.69 -5.00 -15.18
N PRO B 251 -0.94 -6.03 -16.01
CA PRO B 251 -2.13 -6.07 -16.90
C PRO B 251 -3.48 -5.99 -16.20
N GLN B 252 -3.57 -6.48 -14.96
CA GLN B 252 -4.84 -6.47 -14.23
C GLN B 252 -5.29 -5.12 -13.71
N SER B 253 -4.35 -4.18 -13.60
CA SER B 253 -4.63 -2.83 -13.06
C SER B 253 -5.33 -2.88 -11.70
N ILE B 254 -4.88 -3.79 -10.84
CA ILE B 254 -5.43 -3.87 -9.51
C ILE B 254 -4.55 -3.08 -8.55
N ILE B 255 -3.24 -3.36 -8.58
CA ILE B 255 -2.30 -2.48 -7.88
C ILE B 255 -2.12 -1.21 -8.71
N HIS B 256 -2.41 -0.05 -8.11
CA HIS B 256 -2.39 1.21 -8.89
C HIS B 256 -1.08 1.95 -8.81
N SER B 257 -0.24 1.60 -7.85
CA SER B 257 1.16 2.01 -7.76
C SER B 257 1.69 1.62 -6.40
N MET B 258 2.98 1.82 -6.20
CA MET B 258 3.66 1.35 -4.99
C MET B 258 4.80 2.28 -4.63
N VAL B 259 5.18 2.25 -3.36
CA VAL B 259 6.34 2.99 -2.87
C VAL B 259 7.24 1.99 -2.15
N THR B 260 8.51 1.94 -2.55
CA THR B 260 9.51 1.17 -1.83
C THR B 260 10.35 2.07 -0.91
N PHE B 261 10.42 1.70 0.37
CA PHE B 261 11.16 2.46 1.37
C PHE B 261 12.56 1.89 1.62
N ILE B 262 13.41 2.67 2.28
CA ILE B 262 14.85 2.37 2.40
C ILE B 262 15.19 1.08 3.17
N ASP B 263 14.24 0.59 3.96
CA ASP B 263 14.40 -0.66 4.72
C ASP B 263 14.06 -1.94 3.93
N GLY B 264 13.52 -1.76 2.72
CA GLY B 264 13.09 -2.88 1.87
C GLY B 264 11.59 -3.11 1.80
N SER B 265 10.83 -2.38 2.61
CA SER B 265 9.37 -2.52 2.63
C SER B 265 8.76 -1.80 1.43
N THR B 266 7.82 -2.45 0.77
CA THR B 266 7.04 -1.79 -0.28
C THR B 266 5.61 -1.65 0.23
N ILE B 267 5.02 -0.47 0.07
CA ILE B 267 3.59 -0.26 0.39
C ILE B 267 2.87 -0.01 -0.94
N ALA B 268 1.75 -0.70 -1.14
CA ALA B 268 1.01 -0.70 -2.40
C ALA B 268 -0.44 -0.36 -2.15
N GLN B 269 -1.08 0.23 -3.15
CA GLN B 269 -2.50 0.51 -3.07
C GLN B 269 -3.23 -0.30 -4.13
N ALA B 270 -4.28 -0.98 -3.71
CA ALA B 270 -5.01 -1.90 -4.59
C ALA B 270 -6.48 -1.68 -4.51
N SER B 271 -7.15 -1.76 -5.66
CA SER B 271 -8.61 -1.78 -5.69
C SER B 271 -9.08 -2.17 -7.08
N PRO B 272 -10.31 -2.73 -7.20
CA PRO B 272 -10.83 -2.94 -8.56
C PRO B 272 -10.91 -1.59 -9.27
N PRO B 273 -10.55 -1.55 -10.57
CA PRO B 273 -10.54 -0.25 -11.26
C PRO B 273 -11.87 0.50 -11.14
N ASP B 274 -11.81 1.72 -10.60
CA ASP B 274 -12.98 2.59 -10.45
C ASP B 274 -12.43 3.96 -10.09
N MET B 275 -12.54 4.89 -11.04
N MET B 275 -12.53 4.90 -11.04
CA MET B 275 -11.99 6.23 -10.84
CA MET B 275 -12.02 6.25 -10.85
C MET B 275 -12.71 7.02 -9.74
C MET B 275 -12.70 7.00 -9.72
N LYS B 276 -13.90 6.58 -9.33
CA LYS B 276 -14.59 7.23 -8.20
C LYS B 276 -13.79 7.17 -6.91
N LEU B 277 -12.96 6.14 -6.76
CA LEU B 277 -12.08 6.06 -5.58
C LEU B 277 -11.06 7.21 -5.50
N PRO B 278 -10.15 7.35 -6.51
CA PRO B 278 -9.23 8.47 -6.39
C PRO B 278 -9.91 9.86 -6.53
N ILE B 279 -11.02 9.95 -7.27
CA ILE B 279 -11.78 11.21 -7.32
C ILE B 279 -12.29 11.60 -5.91
N SER B 280 -12.94 10.66 -5.21
CA SER B 280 -13.44 10.92 -3.84
C SER B 280 -12.35 11.38 -2.88
N LEU B 281 -11.19 10.73 -2.95
CA LEU B 281 -10.08 11.02 -2.04
C LEU B 281 -9.49 12.41 -2.28
N ALA B 282 -9.41 12.81 -3.55
CA ALA B 282 -8.92 14.15 -3.87
C ALA B 282 -9.89 15.23 -3.41
N LEU B 283 -11.18 14.98 -3.59
CA LEU B 283 -12.20 15.92 -3.13
C LEU B 283 -12.19 16.07 -1.61
N GLY B 284 -12.11 14.95 -0.91
CA GLY B 284 -12.25 14.95 0.56
C GLY B 284 -10.95 14.99 1.34
N TRP B 285 -9.82 15.02 0.62
CA TRP B 285 -8.48 15.01 1.21
C TRP B 285 -8.33 15.89 2.42
N PRO B 286 -7.76 15.37 3.52
CA PRO B 286 -7.18 14.03 3.67
C PRO B 286 -8.13 12.96 4.23
N ARG B 287 -9.43 13.24 4.28
CA ARG B 287 -10.40 12.31 4.84
C ARG B 287 -11.03 11.44 3.75
N ARG B 288 -11.05 10.12 3.96
CA ARG B 288 -11.63 9.19 2.97
C ARG B 288 -13.15 9.32 2.92
N VAL B 289 -13.73 9.00 1.76
CA VAL B 289 -15.17 9.09 1.56
C VAL B 289 -15.82 7.70 1.61
N SER B 290 -16.61 7.46 2.66
CA SER B 290 -17.25 6.16 2.89
C SER B 290 -18.05 5.69 1.69
N GLY B 291 -17.77 4.47 1.24
CA GLY B 291 -18.56 3.83 0.19
C GLY B 291 -18.35 4.36 -1.21
N ALA B 292 -17.20 5.01 -1.45
CA ALA B 292 -16.92 5.59 -2.76
C ALA B 292 -16.86 4.56 -3.87
N ALA B 293 -16.22 3.43 -3.59
CA ALA B 293 -16.02 2.38 -4.57
C ALA B 293 -15.98 1.03 -3.84
N ALA B 294 -16.20 -0.05 -4.59
CA ALA B 294 -16.08 -1.41 -4.06
C ALA B 294 -14.61 -1.76 -3.73
N ALA B 295 -14.42 -2.48 -2.63
CA ALA B 295 -13.08 -2.94 -2.25
C ALA B 295 -12.75 -4.26 -2.93
N CYS B 296 -11.48 -4.63 -2.90
CA CYS B 296 -11.05 -5.93 -3.36
C CYS B 296 -11.76 -7.01 -2.57
N ASP B 297 -12.40 -7.91 -3.31
CA ASP B 297 -13.04 -9.06 -2.72
C ASP B 297 -12.10 -10.24 -2.86
N PHE B 298 -11.69 -10.80 -1.73
CA PHE B 298 -10.83 -11.98 -1.80
C PHE B 298 -11.60 -13.28 -1.62
N HIS B 299 -12.87 -13.27 -2.06
CA HIS B 299 -13.71 -14.49 -2.04
C HIS B 299 -13.62 -15.24 -3.34
N THR B 300 -12.98 -14.63 -4.33
CA THR B 300 -12.67 -15.31 -5.58
C THR B 300 -11.16 -15.41 -5.71
N ALA B 301 -10.68 -16.46 -6.36
CA ALA B 301 -9.27 -16.55 -6.68
C ALA B 301 -8.88 -15.49 -7.72
N SER B 302 -7.69 -14.94 -7.59
CA SER B 302 -7.20 -13.96 -8.55
C SER B 302 -5.69 -14.08 -8.63
N SER B 303 -5.13 -13.62 -9.74
CA SER B 303 -3.69 -13.67 -9.94
C SER B 303 -3.25 -12.33 -10.54
N TRP B 304 -2.34 -11.66 -9.85
CA TRP B 304 -1.83 -10.36 -10.26
C TRP B 304 -0.49 -10.52 -10.90
N GLU B 305 -0.37 -10.12 -12.16
CA GLU B 305 0.86 -10.26 -12.93
C GLU B 305 1.69 -8.98 -12.95
N PHE B 306 3.01 -9.15 -12.88
CA PHE B 306 3.99 -8.07 -12.96
C PHE B 306 5.08 -8.48 -13.94
N GLU B 307 5.40 -7.57 -14.86
CA GLU B 307 6.47 -7.83 -15.83
C GLU B 307 7.19 -6.51 -16.18
N PRO B 308 8.46 -6.60 -16.60
CA PRO B 308 9.12 -5.38 -17.04
C PRO B 308 8.47 -4.81 -18.32
N LEU B 309 8.46 -3.49 -18.44
CA LEU B 309 8.08 -2.83 -19.67
C LEU B 309 9.14 -3.12 -20.74
N ASP B 310 8.70 -3.40 -21.95
CA ASP B 310 9.63 -3.61 -23.06
C ASP B 310 10.11 -2.24 -23.56
N THR B 311 11.20 -1.75 -22.98
CA THR B 311 11.69 -0.39 -23.29
C THR B 311 12.28 -0.26 -24.70
N ASP B 312 12.68 -1.38 -25.31
CA ASP B 312 13.13 -1.37 -26.70
C ASP B 312 11.98 -1.02 -27.64
N VAL B 313 10.82 -1.59 -27.38
CA VAL B 313 9.65 -1.43 -28.25
C VAL B 313 8.84 -0.19 -27.86
N PHE B 314 8.82 0.11 -26.55
CA PHE B 314 8.08 1.26 -26.04
C PHE B 314 9.01 2.28 -25.36
N PRO B 315 9.76 3.10 -26.14
CA PRO B 315 10.70 4.01 -25.48
C PRO B 315 10.13 5.34 -24.95
N ALA B 316 8.81 5.50 -24.98
CA ALA B 316 8.16 6.76 -24.55
C ALA B 316 8.47 7.15 -23.10
N VAL B 317 8.57 6.15 -22.23
CA VAL B 317 8.80 6.39 -20.81
C VAL B 317 10.22 6.87 -20.55
N GLU B 318 11.21 6.21 -21.16
CA GLU B 318 12.60 6.67 -21.01
C GLU B 318 12.78 8.06 -21.65
N LEU B 319 12.08 8.33 -22.75
CA LEU B 319 12.13 9.66 -23.36
C LEU B 319 11.56 10.73 -22.41
N ALA B 320 10.50 10.37 -21.67
CA ALA B 320 9.93 11.30 -20.68
C ALA B 320 10.94 11.62 -19.57
N ARG B 321 11.61 10.58 -19.09
CA ARG B 321 12.69 10.73 -18.11
C ARG B 321 13.78 11.65 -18.65
N GLN B 322 14.15 11.45 -19.91
CA GLN B 322 15.13 12.33 -20.58
C GLN B 322 14.69 13.78 -20.58
N ALA B 323 13.47 14.05 -21.09
CA ALA B 323 12.92 15.39 -21.06
C ALA B 323 12.90 15.95 -19.64
N GLY B 324 12.51 15.12 -18.68
CA GLY B 324 12.33 15.59 -17.32
C GLY B 324 13.64 15.95 -16.63
N VAL B 325 14.68 15.17 -16.87
CA VAL B 325 16.02 15.42 -16.30
C VAL B 325 16.61 16.69 -16.90
N ALA B 326 16.42 16.89 -18.22
CA ALA B 326 16.86 18.13 -18.88
C ALA B 326 16.13 19.32 -18.27
N GLY B 327 14.83 19.16 -18.03
CA GLY B 327 14.08 20.06 -17.15
C GLY B 327 13.37 21.23 -17.78
N GLY B 328 12.72 22.04 -16.94
CA GLY B 328 12.14 23.28 -17.37
C GLY B 328 11.03 23.04 -18.38
N CYS B 329 11.11 23.72 -19.52
CA CYS B 329 10.07 23.61 -20.56
C CYS B 329 10.21 22.35 -21.43
N MET B 330 11.23 21.54 -21.18
CA MET B 330 11.40 20.31 -21.95
C MET B 330 10.21 19.35 -21.81
N THR B 331 9.49 19.42 -20.68
CA THR B 331 8.33 18.57 -20.49
C THR B 331 7.12 19.08 -21.26
N ALA B 332 7.01 20.41 -21.42
CA ALA B 332 5.99 20.96 -22.32
C ALA B 332 6.29 20.58 -23.77
N VAL B 333 7.58 20.52 -24.10
CA VAL B 333 8.00 20.15 -25.45
C VAL B 333 7.65 18.68 -25.73
N TYR B 334 7.94 17.80 -24.77
CA TYR B 334 7.63 16.38 -24.88
C TYR B 334 6.13 16.20 -25.17
N ASN B 335 5.29 16.90 -24.40
CA ASN B 335 3.85 16.74 -24.53
C ASN B 335 3.32 17.31 -25.85
N ALA B 336 3.82 18.49 -26.20
CA ALA B 336 3.40 19.18 -27.44
C ALA B 336 3.85 18.43 -28.69
N ALA B 337 5.08 17.90 -28.65
CA ALA B 337 5.56 17.11 -29.78
C ALA B 337 4.69 15.85 -29.94
N ASN B 338 4.32 15.25 -28.80
CA ASN B 338 3.42 14.12 -28.86
C ASN B 338 2.08 14.44 -29.50
N GLU B 339 1.47 15.57 -29.14
CA GLU B 339 0.13 15.91 -29.65
C GLU B 339 0.17 16.01 -31.17
N GLU B 340 1.22 16.65 -31.66
CA GLU B 340 1.36 16.89 -33.09
C GLU B 340 1.68 15.61 -33.84
N ALA B 341 2.58 14.79 -33.32
CA ALA B 341 2.90 13.50 -33.94
C ALA B 341 1.69 12.54 -33.92
N ALA B 342 0.97 12.54 -32.79
CA ALA B 342 -0.24 11.74 -32.63
C ALA B 342 -1.33 12.14 -33.64
N ALA B 343 -1.49 13.44 -33.83
CA ALA B 343 -2.44 13.97 -34.83
C ALA B 343 -2.04 13.59 -36.26
N ALA B 344 -0.74 13.57 -36.54
CA ALA B 344 -0.23 13.11 -37.83
C ALA B 344 -0.54 11.62 -38.07
N PHE B 345 -0.42 10.82 -37.01
CA PHE B 345 -0.76 9.40 -37.05
C PHE B 345 -2.25 9.18 -37.28
N LEU B 346 -3.10 9.95 -36.59
CA LEU B 346 -4.56 9.90 -36.77
C LEU B 346 -4.98 10.35 -38.19
N ALA B 347 -4.17 11.21 -38.80
CA ALA B 347 -4.37 11.69 -40.16
C ALA B 347 -3.85 10.71 -41.20
N GLY B 348 -3.05 9.74 -40.77
CA GLY B 348 -2.48 8.75 -41.67
C GLY B 348 -1.23 9.21 -42.41
N ARG B 349 -0.56 10.23 -41.88
CA ARG B 349 0.67 10.73 -42.48
C ARG B 349 1.90 9.93 -42.06
N ILE B 350 1.88 9.38 -40.86
CA ILE B 350 3.00 8.58 -40.34
C ILE B 350 2.49 7.28 -39.73
N GLY B 351 3.41 6.34 -39.51
CA GLY B 351 3.11 5.11 -38.80
C GLY B 351 3.21 5.27 -37.29
N PHE B 352 2.75 4.26 -36.57
CA PHE B 352 2.71 4.26 -35.11
C PHE B 352 4.05 4.46 -34.42
N PRO B 353 5.09 3.66 -34.75
CA PRO B 353 6.38 3.84 -34.06
C PRO B 353 7.05 5.20 -34.33
N ALA B 354 6.65 5.86 -35.40
CA ALA B 354 7.14 7.20 -35.72
C ALA B 354 6.72 8.25 -34.68
N ILE B 355 5.62 8.00 -33.95
CA ILE B 355 5.16 8.95 -32.94
C ILE B 355 6.26 9.32 -31.95
N VAL B 356 6.86 8.30 -31.33
CA VAL B 356 7.94 8.52 -30.36
C VAL B 356 9.25 8.87 -31.06
N GLY B 357 9.38 8.47 -32.33
CA GLY B 357 10.52 8.88 -33.16
C GLY B 357 10.55 10.39 -33.33
N ILE B 358 9.38 10.97 -33.62
CA ILE B 358 9.24 12.41 -33.75
C ILE B 358 9.45 13.14 -32.42
N ILE B 359 8.85 12.63 -31.34
CA ILE B 359 9.13 13.21 -30.02
C ILE B 359 10.62 13.32 -29.74
N ALA B 360 11.37 12.24 -30.01
CA ALA B 360 12.82 12.20 -29.76
C ALA B 360 13.56 13.23 -30.62
N ASP B 361 13.19 13.30 -31.90
CA ASP B 361 13.77 14.27 -32.86
C ASP B 361 13.56 15.72 -32.39
N VAL B 362 12.36 16.01 -31.88
CA VAL B 362 12.03 17.35 -31.43
C VAL B 362 12.83 17.70 -30.17
N LEU B 363 12.88 16.79 -29.19
CA LEU B 363 13.67 17.03 -27.97
C LEU B 363 15.16 17.22 -28.25
N HIS B 364 15.68 16.46 -29.21
CA HIS B 364 17.10 16.60 -29.59
C HIS B 364 17.42 17.98 -30.11
N ALA B 365 16.43 18.65 -30.71
CA ALA B 365 16.60 20.01 -31.22
C ALA B 365 16.19 21.10 -30.22
N ALA B 366 15.76 20.72 -29.02
CA ALA B 366 15.09 21.65 -28.09
C ALA B 366 16.00 22.23 -27.01
N ASP B 367 17.27 22.42 -27.35
CA ASP B 367 18.27 22.92 -26.40
C ASP B 367 17.94 24.27 -25.74
N GLN B 368 17.17 25.11 -26.42
CA GLN B 368 16.76 26.40 -25.86
C GLN B 368 15.61 26.30 -24.85
N TRP B 369 15.03 25.11 -24.74
CA TRP B 369 13.82 24.94 -23.90
C TRP B 369 13.99 24.24 -22.58
N ALA B 370 15.25 24.07 -22.15
CA ALA B 370 15.49 23.54 -20.82
C ALA B 370 15.25 24.57 -19.72
N VAL B 371 15.13 25.85 -20.07
CA VAL B 371 14.89 26.91 -19.07
C VAL B 371 13.58 26.66 -18.30
N GLU B 372 13.54 27.04 -17.03
CA GLU B 372 12.29 26.99 -16.24
C GLU B 372 11.24 27.93 -16.83
N PRO B 373 9.97 27.49 -16.86
CA PRO B 373 8.96 28.42 -17.39
C PRO B 373 8.73 29.53 -16.37
N ALA B 374 9.04 30.77 -16.75
CA ALA B 374 8.83 31.90 -15.86
C ALA B 374 7.40 32.37 -15.83
N THR B 375 6.71 32.20 -16.96
CA THR B 375 5.36 32.76 -17.16
C THR B 375 4.56 31.77 -17.99
N VAL B 376 3.24 31.93 -18.04
CA VAL B 376 2.40 31.14 -18.93
C VAL B 376 2.89 31.29 -20.39
N ASP B 377 3.23 32.52 -20.77
CA ASP B 377 3.78 32.75 -22.12
C ASP B 377 5.00 31.88 -22.47
N ASP B 378 5.90 31.62 -21.52
CA ASP B 378 7.03 30.71 -21.79
C ASP B 378 6.54 29.29 -22.17
N VAL B 379 5.54 28.82 -21.43
CA VAL B 379 4.94 27.50 -21.73
C VAL B 379 4.33 27.46 -23.12
N LEU B 380 3.53 28.47 -23.45
CA LEU B 380 2.85 28.51 -24.76
C LEU B 380 3.86 28.64 -25.89
N ASP B 381 4.92 29.40 -25.66
CA ASP B 381 6.01 29.52 -26.63
C ASP B 381 6.73 28.19 -26.88
N ALA B 382 7.04 27.45 -25.80
CA ALA B 382 7.68 26.16 -25.92
C ALA B 382 6.80 25.21 -26.70
N GLN B 383 5.50 25.24 -26.42
CA GLN B 383 4.55 24.33 -27.07
C GLN B 383 4.43 24.64 -28.57
N ARG B 384 4.38 25.92 -28.89
CA ARG B 384 4.29 26.38 -30.30
C ARG B 384 5.56 25.98 -31.04
N TRP B 385 6.72 26.17 -30.41
CA TRP B 385 7.97 25.73 -31.00
C TRP B 385 7.97 24.24 -31.28
N ALA B 386 7.55 23.46 -30.27
CA ALA B 386 7.54 21.99 -30.38
C ALA B 386 6.62 21.48 -31.49
N ARG B 387 5.42 22.05 -31.60
CA ARG B 387 4.46 21.67 -32.64
C ARG B 387 5.05 21.93 -34.02
N GLU B 388 5.62 23.12 -34.23
CA GLU B 388 6.23 23.45 -35.52
C GLU B 388 7.38 22.52 -35.87
N ARG B 389 8.21 22.19 -34.88
CA ARG B 389 9.31 21.26 -35.04
C ARG B 389 8.85 19.83 -35.35
N ALA B 390 7.75 19.42 -34.73
CA ALA B 390 7.17 18.11 -35.02
C ALA B 390 6.56 18.10 -36.43
N GLN B 391 5.90 19.20 -36.81
CA GLN B 391 5.37 19.34 -38.18
C GLN B 391 6.47 19.18 -39.23
N ARG B 392 7.62 19.80 -38.99
CA ARG B 392 8.78 19.68 -39.88
C ARG B 392 9.27 18.24 -39.97
N ALA B 393 9.35 17.56 -38.83
CA ALA B 393 9.76 16.15 -38.82
C ALA B 393 8.73 15.27 -39.54
N VAL B 394 7.44 15.57 -39.36
CA VAL B 394 6.37 14.84 -40.04
C VAL B 394 6.46 15.03 -41.57
N SER B 395 6.61 16.29 -42.00
CA SER B 395 6.58 16.62 -43.44
C SER B 395 7.69 15.94 -44.26
N GLY B 396 8.78 15.56 -43.61
CA GLY B 396 9.80 14.75 -44.30
C GLY B 396 10.91 14.21 -43.41
N MET B 397 11.02 12.88 -43.24
CA MET B 397 10.08 11.83 -43.70
C MET B 397 9.34 12.12 -45.01
#